data_5GOZ
#
_entry.id   5GOZ
#
_cell.length_a   123.790
_cell.length_b   123.790
_cell.length_c   120.140
_cell.angle_alpha   90.00
_cell.angle_beta   90.00
_cell.angle_gamma   120.00
#
_symmetry.space_group_name_H-M   'P 61'
#
loop_
_entity.id
_entity.type
_entity.pdbx_description
1 polymer 'RNA-directed RNA polymerase NS5'
2 non-polymer "GUANOSINE-5'-TRIPHOSPHATE"
3 non-polymer S-ADENOSYL-L-HOMOCYSTEINE
4 non-polymer 'PHOSPHATE ION'
5 non-polymer 'SUCCINIC ACID'
6 non-polymer 'PYROPHOSPHATE 2-'
7 water water
#
_entity_poly.entity_id   1
_entity_poly.type   'polypeptide(L)'
_entity_poly.pdbx_seq_one_letter_code
;GSVDTGETLGEKWKARLNQMSALEFYSYKKSGITEVCREEARRALKDGVATGGHAVSRGSAKLRWLVERGYLQPYGKVID
LGCGRGGWSYYAATIRKVQEVKGYTKGGPGHEEPMLVQSYGWNIVRLKSGVDVFHMAAEPCDTLLCDIGESSSSPEVEEA
RTLRVLSMVGDWLEKRPGAFCIKVLCPYTSTMMETLERLQRRYGGGLVRVPLSRNSTHEMYWVSGAKSNTIKSVSTTSQL
LLGRMDGPRRPVKYEEDVNLGSGTRAAAS
;
_entity_poly.pdbx_strand_id   A,B,C
#
# COMPACT_ATOMS: atom_id res chain seq x y z
N THR A 5 12.26 -12.23 -21.29
CA THR A 5 11.27 -11.23 -21.67
C THR A 5 9.87 -11.72 -21.30
N GLY A 6 8.84 -11.16 -21.92
CA GLY A 6 7.47 -11.46 -21.59
C GLY A 6 6.82 -10.50 -20.60
N GLU A 7 7.63 -9.75 -19.86
CA GLU A 7 7.11 -8.82 -18.86
C GLU A 7 6.79 -7.47 -19.48
N THR A 8 5.67 -6.89 -19.07
CA THR A 8 5.39 -5.50 -19.39
C THR A 8 6.26 -4.60 -18.52
N LEU A 9 6.38 -3.33 -18.95
CA LEU A 9 7.12 -2.37 -18.15
C LEU A 9 6.54 -2.26 -16.75
N GLY A 10 5.21 -2.26 -16.64
CA GLY A 10 4.58 -2.23 -15.33
C GLY A 10 4.91 -3.47 -14.51
N GLU A 11 4.99 -4.63 -15.16
CA GLU A 11 5.40 -5.83 -14.45
C GLU A 11 6.88 -5.80 -14.09
N LYS A 12 7.69 -5.07 -14.87
CA LYS A 12 9.08 -4.88 -14.50
C LYS A 12 9.21 -3.94 -13.31
N TRP A 13 8.43 -2.86 -13.29
CA TRP A 13 8.47 -1.91 -12.18
C TRP A 13 8.06 -2.58 -10.87
N LYS A 14 7.04 -3.44 -10.92
CA LYS A 14 6.59 -4.13 -9.73
C LYS A 14 7.69 -5.03 -9.17
N ALA A 15 8.39 -5.74 -10.06
CA ALA A 15 9.47 -6.63 -9.60
C ALA A 15 10.58 -5.83 -8.94
N ARG A 16 11.00 -4.74 -9.58
CA ARG A 16 12.02 -3.88 -8.96
C ARG A 16 11.50 -3.26 -7.67
N LEU A 17 10.20 -2.94 -7.62
CA LEU A 17 9.61 -2.40 -6.41
C LEU A 17 9.74 -3.37 -5.25
N ASN A 18 9.42 -4.64 -5.49
CA ASN A 18 9.49 -5.65 -4.45
C ASN A 18 10.91 -6.00 -4.04
N GLN A 19 11.91 -5.54 -4.78
CA GLN A 19 13.30 -5.85 -4.47
C GLN A 19 14.03 -4.69 -3.81
N MET A 20 13.36 -3.56 -3.60
CA MET A 20 14.01 -2.43 -2.97
C MET A 20 14.19 -2.68 -1.47
N SER A 21 15.29 -2.16 -0.93
CA SER A 21 15.50 -2.24 0.50
C SER A 21 14.49 -1.35 1.24
N ALA A 22 14.47 -1.50 2.56
CA ALA A 22 13.45 -0.84 3.37
C ALA A 22 13.45 0.68 3.14
N LEU A 23 14.63 1.30 3.23
CA LEU A 23 14.71 2.73 3.02
C LEU A 23 14.58 3.08 1.54
N GLU A 24 15.13 2.24 0.66
CA GLU A 24 15.00 2.48 -0.77
C GLU A 24 13.53 2.59 -1.16
N PHE A 25 12.70 1.68 -0.66
CA PHE A 25 11.27 1.81 -0.89
C PHE A 25 10.71 3.01 -0.13
N TYR A 26 11.21 3.27 1.07
CA TYR A 26 10.68 4.36 1.89
C TYR A 26 10.89 5.70 1.20
N SER A 27 12.11 5.95 0.70
CA SER A 27 12.42 7.22 0.08
C SER A 27 11.90 7.33 -1.35
N TYR A 28 11.39 6.23 -1.91
CA TYR A 28 10.89 6.24 -3.28
C TYR A 28 9.39 6.43 -3.38
N LYS A 29 8.64 5.98 -2.38
CA LYS A 29 7.18 5.96 -2.49
C LYS A 29 6.60 7.34 -2.72
N LYS A 30 7.29 8.39 -2.27
CA LYS A 30 6.81 9.75 -2.46
C LYS A 30 7.85 10.65 -3.12
N SER A 31 8.81 10.06 -3.82
CA SER A 31 9.83 10.83 -4.52
C SER A 31 9.18 11.56 -5.69
N GLY A 32 9.10 12.89 -5.60
CA GLY A 32 8.62 13.70 -6.70
C GLY A 32 7.13 13.76 -6.86
N ILE A 33 6.36 13.16 -5.96
CA ILE A 33 4.91 13.18 -6.08
C ILE A 33 4.36 14.45 -5.46
N THR A 34 3.10 14.75 -5.75
CA THR A 34 2.41 15.88 -5.15
C THR A 34 1.61 15.37 -3.96
N GLU A 35 1.46 16.23 -2.95
CA GLU A 35 0.81 15.83 -1.72
C GLU A 35 0.20 17.04 -1.05
N VAL A 36 -1.04 16.91 -0.57
CA VAL A 36 -1.71 18.00 0.12
C VAL A 36 -1.40 17.90 1.61
N CYS A 37 -1.32 19.05 2.26
CA CYS A 37 -0.98 19.11 3.67
C CYS A 37 -2.20 18.77 4.52
N ARG A 38 -2.12 17.67 5.25
CA ARG A 38 -3.24 17.15 6.02
C ARG A 38 -3.05 17.32 7.53
N GLU A 39 -2.01 18.01 7.96
CA GLU A 39 -1.78 18.17 9.40
C GLU A 39 -2.93 18.89 10.08
N GLU A 40 -3.34 20.03 9.52
CA GLU A 40 -4.40 20.82 10.16
C GLU A 40 -5.78 20.24 9.92
N ALA A 41 -5.95 19.38 8.90
CA ALA A 41 -7.25 18.77 8.66
C ALA A 41 -7.57 17.71 9.70
N ARG A 42 -6.59 16.87 10.04
CA ARG A 42 -6.84 15.81 11.03
C ARG A 42 -7.05 16.40 12.42
N ARG A 43 -6.28 17.41 12.78
CA ARG A 43 -6.41 18.01 14.10
C ARG A 43 -7.81 18.59 14.32
N ALA A 44 -8.43 19.12 13.27
CA ALA A 44 -9.79 19.64 13.39
C ALA A 44 -10.83 18.53 13.37
N LEU A 45 -10.54 17.45 12.65
CA LEU A 45 -11.44 16.29 12.69
C LEU A 45 -11.26 15.50 13.97
N LYS A 46 -10.03 15.38 14.46
CA LYS A 46 -9.80 14.76 15.76
C LYS A 46 -10.55 15.50 16.86
N ASP A 47 -10.54 16.83 16.82
CA ASP A 47 -11.26 17.61 17.81
C ASP A 47 -12.77 17.54 17.55
N GLY A 48 -13.19 17.74 16.31
CA GLY A 48 -14.59 17.60 15.96
C GLY A 48 -15.20 18.78 15.24
N VAL A 49 -14.38 19.69 14.72
CA VAL A 49 -14.89 20.85 14.01
C VAL A 49 -15.51 20.38 12.69
N ALA A 50 -16.82 20.14 12.70
CA ALA A 50 -17.51 19.59 11.55
C ALA A 50 -17.93 20.64 10.53
N THR A 51 -17.82 21.92 10.87
CA THR A 51 -18.22 23.01 9.97
C THR A 51 -17.04 23.85 9.52
N GLY A 52 -15.82 23.34 9.67
CA GLY A 52 -14.64 24.06 9.21
C GLY A 52 -14.30 23.87 7.76
N GLY A 53 -14.98 22.95 7.07
CA GLY A 53 -14.70 22.68 5.68
C GLY A 53 -13.56 21.70 5.44
N HIS A 54 -13.10 21.01 6.48
CA HIS A 54 -11.97 20.11 6.34
C HIS A 54 -12.36 18.82 5.63
N ALA A 55 -11.48 18.33 4.77
CA ALA A 55 -11.71 17.08 4.07
C ALA A 55 -11.47 15.91 5.02
N VAL A 56 -12.27 14.85 4.85
CA VAL A 56 -12.17 13.71 5.74
C VAL A 56 -10.95 12.85 5.45
N SER A 57 -10.39 12.95 4.25
CA SER A 57 -9.24 12.13 3.87
C SER A 57 -8.55 12.80 2.69
N ARG A 58 -7.51 12.13 2.18
CA ARG A 58 -6.79 12.62 1.01
C ARG A 58 -7.57 12.40 -0.29
N GLY A 59 -8.62 11.59 -0.26
CA GLY A 59 -9.40 11.33 -1.47
C GLY A 59 -10.12 12.54 -2.02
N SER A 60 -10.41 13.53 -1.18
CA SER A 60 -11.07 14.74 -1.65
C SER A 60 -10.18 15.52 -2.61
N ALA A 61 -8.91 15.68 -2.28
CA ALA A 61 -8.00 16.42 -3.15
C ALA A 61 -7.70 15.66 -4.43
N LYS A 62 -7.68 14.32 -4.37
CA LYS A 62 -7.42 13.54 -5.57
C LYS A 62 -8.57 13.65 -6.56
N LEU A 63 -9.80 13.50 -6.06
CA LEU A 63 -10.97 13.66 -6.94
C LEU A 63 -11.14 15.10 -7.37
N ARG A 64 -10.79 16.06 -6.50
CA ARG A 64 -10.93 17.44 -6.90
C ARG A 64 -10.01 17.75 -8.07
N TRP A 65 -8.76 17.27 -8.00
CA TRP A 65 -7.79 17.45 -9.09
C TRP A 65 -8.36 17.01 -10.44
N LEU A 66 -9.17 15.95 -10.44
CA LEU A 66 -9.74 15.44 -11.68
C LEU A 66 -10.89 16.30 -12.18
N VAL A 67 -11.73 16.81 -11.28
CA VAL A 67 -12.92 17.54 -11.69
C VAL A 67 -12.57 18.97 -12.10
N GLU A 68 -11.65 19.62 -11.37
CA GLU A 68 -11.22 20.97 -11.76
C GLU A 68 -10.50 20.99 -13.09
N ARG A 69 -10.38 19.85 -13.77
CA ARG A 69 -9.81 19.75 -15.11
C ARG A 69 -10.79 19.18 -16.11
N GLY A 70 -12.04 19.02 -15.75
CA GLY A 70 -13.00 18.47 -16.68
C GLY A 70 -12.78 17.03 -17.07
N TYR A 71 -11.90 16.30 -16.36
CA TYR A 71 -11.77 14.87 -16.60
C TYR A 71 -13.07 14.13 -16.35
N LEU A 72 -13.96 14.73 -15.57
CA LEU A 72 -15.36 14.33 -15.50
C LEU A 72 -16.13 15.49 -14.92
N GLN A 73 -17.41 15.59 -15.28
CA GLN A 73 -18.27 16.69 -14.85
C GLN A 73 -19.50 16.12 -14.15
N PRO A 74 -19.43 15.88 -12.84
CA PRO A 74 -20.53 15.24 -12.14
C PRO A 74 -21.80 16.09 -12.19
N TYR A 75 -22.94 15.40 -12.11
CA TYR A 75 -24.25 16.04 -12.13
C TYR A 75 -25.28 15.02 -11.66
N GLY A 76 -26.41 15.54 -11.21
CA GLY A 76 -27.54 14.67 -10.90
C GLY A 76 -27.22 13.68 -9.80
N LYS A 77 -27.74 12.46 -9.95
CA LYS A 77 -27.58 11.42 -8.95
C LYS A 77 -26.18 10.82 -9.03
N VAL A 78 -25.54 10.68 -7.87
CA VAL A 78 -24.17 10.20 -7.76
C VAL A 78 -24.15 8.95 -6.90
N ILE A 79 -23.47 7.91 -7.35
CA ILE A 79 -23.25 6.69 -6.59
C ILE A 79 -21.75 6.56 -6.33
N ASP A 80 -21.38 6.29 -5.07
CA ASP A 80 -19.98 6.19 -4.68
C ASP A 80 -19.73 4.79 -4.10
N LEU A 81 -19.26 3.88 -4.95
CA LEU A 81 -18.93 2.53 -4.51
C LEU A 81 -17.62 2.54 -3.74
N GLY A 82 -17.65 2.02 -2.52
CA GLY A 82 -16.47 2.01 -1.66
C GLY A 82 -16.15 3.39 -1.12
N CYS A 83 -17.09 3.97 -0.36
CA CYS A 83 -16.93 5.35 0.07
C CYS A 83 -15.96 5.50 1.23
N GLY A 84 -15.77 4.46 2.04
CA GLY A 84 -14.87 4.56 3.17
C GLY A 84 -15.33 5.65 4.12
N ARG A 85 -14.47 6.64 4.33
CA ARG A 85 -14.78 7.76 5.21
C ARG A 85 -15.61 8.84 4.51
N GLY A 86 -15.66 8.84 3.19
CA GLY A 86 -16.50 9.77 2.46
C GLY A 86 -15.79 10.91 1.78
N GLY A 87 -14.48 10.80 1.51
CA GLY A 87 -13.76 11.88 0.87
C GLY A 87 -14.31 12.20 -0.51
N TRP A 88 -14.60 11.17 -1.30
CA TRP A 88 -15.19 11.40 -2.62
C TRP A 88 -16.63 11.88 -2.52
N SER A 89 -17.37 11.41 -1.51
CA SER A 89 -18.78 11.78 -1.39
C SER A 89 -18.95 13.21 -0.93
N TYR A 90 -18.18 13.62 0.08
CA TYR A 90 -18.30 14.98 0.60
C TYR A 90 -17.80 16.03 -0.38
N TYR A 91 -16.93 15.66 -1.33
CA TYR A 91 -16.53 16.61 -2.35
C TYR A 91 -17.56 16.72 -3.46
N ALA A 92 -18.17 15.59 -3.84
CA ALA A 92 -19.20 15.59 -4.87
C ALA A 92 -20.44 16.37 -4.44
N ALA A 93 -20.66 16.52 -3.14
CA ALA A 93 -21.80 17.27 -2.65
C ALA A 93 -21.65 18.77 -2.90
N THR A 94 -20.44 19.25 -3.16
CA THR A 94 -20.21 20.67 -3.41
C THR A 94 -20.34 21.04 -4.88
N ILE A 95 -20.42 20.06 -5.78
CA ILE A 95 -20.63 20.35 -7.19
C ILE A 95 -22.03 20.93 -7.37
N ARG A 96 -22.15 21.94 -8.24
CA ARG A 96 -23.42 22.63 -8.37
C ARG A 96 -24.45 21.78 -9.10
N LYS A 97 -24.06 21.16 -10.21
CA LYS A 97 -25.00 20.34 -10.96
C LYS A 97 -25.30 19.01 -10.28
N VAL A 98 -24.58 18.66 -9.22
CA VAL A 98 -24.88 17.45 -8.47
C VAL A 98 -26.00 17.75 -7.48
N GLN A 99 -27.03 16.89 -7.49
CA GLN A 99 -28.20 17.09 -6.65
C GLN A 99 -28.32 16.07 -5.52
N GLU A 100 -27.59 14.96 -5.58
CA GLU A 100 -27.78 13.87 -4.63
C GLU A 100 -26.60 12.91 -4.72
N VAL A 101 -26.13 12.44 -3.56
CA VAL A 101 -24.99 11.54 -3.48
C VAL A 101 -25.30 10.41 -2.51
N LYS A 102 -25.12 9.17 -2.96
CA LYS A 102 -25.34 7.98 -2.15
C LYS A 102 -24.04 7.19 -2.06
N GLY A 103 -23.63 6.84 -0.84
CA GLY A 103 -22.38 6.15 -0.62
C GLY A 103 -22.58 4.76 -0.04
N TYR A 104 -21.67 3.86 -0.36
CA TYR A 104 -21.72 2.48 0.10
C TYR A 104 -20.31 1.99 0.38
N THR A 105 -20.07 1.49 1.59
CA THR A 105 -18.78 0.94 1.95
C THR A 105 -19.00 -0.31 2.80
N LYS A 106 -17.89 -1.01 3.05
CA LYS A 106 -17.90 -2.23 3.85
C LYS A 106 -17.72 -1.93 5.34
N GLY A 107 -16.73 -1.12 5.68
CA GLY A 107 -16.46 -0.86 7.08
C GLY A 107 -16.00 -2.11 7.80
N GLY A 108 -16.24 -2.15 9.10
CA GLY A 108 -15.88 -3.30 9.89
C GLY A 108 -14.56 -3.13 10.60
N PRO A 109 -13.99 -4.23 11.09
CA PRO A 109 -12.78 -4.15 11.92
C PRO A 109 -11.57 -3.55 11.21
N GLY A 110 -11.18 -4.12 10.08
CA GLY A 110 -9.99 -3.65 9.39
C GLY A 110 -10.25 -2.67 8.27
N HIS A 111 -11.40 -2.00 8.28
CA HIS A 111 -11.76 -1.09 7.20
C HIS A 111 -12.31 0.21 7.79
N GLU A 112 -12.38 1.22 6.92
CA GLU A 112 -12.81 2.55 7.32
C GLU A 112 -14.33 2.60 7.44
N GLU A 113 -14.80 3.19 8.52
CA GLU A 113 -16.22 3.45 8.69
C GLU A 113 -16.54 4.89 8.32
N PRO A 114 -17.67 5.14 7.69
CA PRO A 114 -18.00 6.49 7.24
C PRO A 114 -18.00 7.50 8.38
N MET A 115 -17.48 8.69 8.09
CA MET A 115 -17.46 9.80 9.03
C MET A 115 -18.59 10.78 8.70
N LEU A 116 -19.14 11.40 9.75
CA LEU A 116 -20.23 12.35 9.60
C LEU A 116 -19.72 13.74 9.97
N VAL A 117 -19.29 14.47 8.96
CA VAL A 117 -18.98 15.89 9.09
C VAL A 117 -20.02 16.67 8.29
N GLN A 118 -19.98 17.99 8.41
CA GLN A 118 -20.93 18.89 7.77
C GLN A 118 -20.19 19.94 6.93
N SER A 119 -19.58 19.47 5.86
CA SER A 119 -19.12 20.36 4.82
C SER A 119 -20.30 20.76 3.94
N TYR A 120 -20.03 21.66 3.00
CA TYR A 120 -21.08 22.21 2.14
C TYR A 120 -21.80 21.11 1.36
N GLY A 121 -23.07 20.95 1.66
CA GLY A 121 -23.90 19.95 1.01
C GLY A 121 -24.03 18.62 1.72
N TRP A 122 -23.72 18.57 3.02
CA TRP A 122 -23.73 17.31 3.74
C TRP A 122 -25.13 16.70 3.84
N ASN A 123 -26.18 17.50 3.72
CA ASN A 123 -27.53 17.02 3.93
C ASN A 123 -28.05 16.13 2.81
N ILE A 124 -27.37 16.11 1.65
CA ILE A 124 -27.80 15.29 0.52
C ILE A 124 -26.93 14.04 0.36
N VAL A 125 -26.13 13.72 1.36
CA VAL A 125 -25.18 12.62 1.30
C VAL A 125 -25.54 11.58 2.35
N ARG A 126 -25.57 10.31 1.94
CA ARG A 126 -25.79 9.20 2.84
C ARG A 126 -24.73 8.14 2.61
N LEU A 127 -24.19 7.59 3.70
CA LEU A 127 -23.10 6.63 3.66
C LEU A 127 -23.53 5.38 4.42
N LYS A 128 -23.87 4.33 3.69
CA LYS A 128 -24.30 3.07 4.29
C LYS A 128 -23.11 2.12 4.32
N SER A 129 -22.66 1.79 5.53
CA SER A 129 -21.56 0.86 5.71
C SER A 129 -22.09 -0.57 5.82
N GLY A 130 -21.18 -1.52 5.90
CA GLY A 130 -21.58 -2.92 5.96
C GLY A 130 -22.15 -3.47 4.67
N VAL A 131 -21.88 -2.81 3.55
CA VAL A 131 -22.44 -3.19 2.26
C VAL A 131 -21.32 -3.75 1.40
N ASP A 132 -21.48 -5.00 0.95
CA ASP A 132 -20.59 -5.57 -0.06
C ASP A 132 -21.16 -5.23 -1.42
N VAL A 133 -20.43 -4.43 -2.20
CA VAL A 133 -20.95 -3.96 -3.47
C VAL A 133 -20.99 -5.09 -4.50
N PHE A 134 -20.11 -6.09 -4.36
CA PHE A 134 -20.09 -7.19 -5.31
C PHE A 134 -21.36 -8.02 -5.25
N HIS A 135 -22.11 -7.93 -4.16
CA HIS A 135 -23.39 -8.62 -4.02
C HIS A 135 -24.57 -7.65 -4.09
N MET A 136 -24.32 -6.40 -4.48
CA MET A 136 -25.35 -5.38 -4.58
C MET A 136 -25.70 -5.14 -6.04
N ALA A 137 -27.01 -5.03 -6.32
CA ALA A 137 -27.46 -4.82 -7.69
C ALA A 137 -27.24 -3.38 -8.11
N ALA A 138 -27.02 -3.20 -9.42
CA ALA A 138 -26.74 -1.88 -9.97
C ALA A 138 -28.02 -1.08 -10.18
N GLU A 139 -27.95 0.22 -9.85
CA GLU A 139 -29.07 1.13 -9.99
C GLU A 139 -28.81 2.16 -11.08
N PRO A 140 -29.86 2.60 -11.77
CA PRO A 140 -29.71 3.78 -12.65
C PRO A 140 -29.19 4.99 -11.88
N CYS A 141 -28.18 5.64 -12.45
CA CYS A 141 -27.56 6.80 -11.82
C CYS A 141 -27.16 7.78 -12.91
N ASP A 142 -26.81 8.99 -12.49
CA ASP A 142 -26.26 9.98 -13.42
C ASP A 142 -24.74 9.87 -13.51
N THR A 143 -24.06 9.83 -12.36
CA THR A 143 -22.62 9.64 -12.33
C THR A 143 -22.29 8.49 -11.37
N LEU A 144 -21.28 7.71 -11.74
CA LEU A 144 -20.86 6.55 -10.96
C LEU A 144 -19.39 6.72 -10.56
N LEU A 145 -19.12 6.49 -9.29
CA LEU A 145 -17.76 6.56 -8.76
C LEU A 145 -17.38 5.22 -8.14
N CYS A 146 -16.13 4.82 -8.32
CA CYS A 146 -15.65 3.55 -7.77
C CYS A 146 -14.17 3.69 -7.47
N ASP A 147 -13.80 3.47 -6.21
CA ASP A 147 -12.42 3.62 -5.73
C ASP A 147 -12.01 2.39 -4.95
N ILE A 148 -12.30 1.22 -5.50
CA ILE A 148 -12.06 -0.06 -4.84
C ILE A 148 -10.85 -0.72 -5.50
N GLY A 149 -9.98 -1.30 -4.68
CA GLY A 149 -8.82 -2.01 -5.17
C GLY A 149 -7.68 -2.05 -4.19
N GLU A 150 -7.51 -3.17 -3.49
CA GLU A 150 -6.46 -3.30 -2.48
C GLU A 150 -5.17 -3.78 -3.12
N SER A 151 -4.04 -3.25 -2.64
CA SER A 151 -2.75 -3.52 -3.25
C SER A 151 -2.22 -4.88 -2.83
N SER A 152 -1.53 -5.52 -3.76
CA SER A 152 -0.86 -6.78 -3.51
C SER A 152 0.54 -6.72 -4.09
N SER A 153 1.47 -7.42 -3.44
CA SER A 153 2.82 -7.52 -3.97
C SER A 153 2.89 -8.33 -5.25
N SER A 154 1.82 -9.06 -5.59
CA SER A 154 1.80 -9.89 -6.78
C SER A 154 1.02 -9.20 -7.88
N PRO A 155 1.62 -8.97 -9.05
CA PRO A 155 0.84 -8.36 -10.15
C PRO A 155 -0.33 -9.22 -10.61
N GLU A 156 -0.24 -10.54 -10.43
CA GLU A 156 -1.33 -11.41 -10.83
C GLU A 156 -2.51 -11.32 -9.87
N VAL A 157 -2.24 -11.02 -8.59
CA VAL A 157 -3.32 -10.84 -7.64
C VAL A 157 -4.01 -9.50 -7.86
N GLU A 158 -3.22 -8.44 -8.09
CA GLU A 158 -3.80 -7.15 -8.44
C GLU A 158 -4.60 -7.24 -9.73
N GLU A 159 -4.13 -8.05 -10.67
CA GLU A 159 -4.88 -8.27 -11.91
C GLU A 159 -6.25 -8.85 -11.62
N ALA A 160 -6.31 -9.88 -10.77
CA ALA A 160 -7.56 -10.59 -10.55
C ALA A 160 -8.59 -9.71 -9.86
N ARG A 161 -8.17 -8.95 -8.85
CA ARG A 161 -9.12 -8.10 -8.14
C ARG A 161 -9.55 -6.91 -8.98
N THR A 162 -8.62 -6.37 -9.78
CA THR A 162 -8.99 -5.29 -10.69
C THR A 162 -10.03 -5.76 -11.69
N LEU A 163 -9.90 -6.99 -12.16
CA LEU A 163 -10.89 -7.54 -13.08
C LEU A 163 -12.23 -7.75 -12.37
N ARG A 164 -12.19 -8.13 -11.09
CA ARG A 164 -13.41 -8.29 -10.33
C ARG A 164 -14.16 -6.97 -10.20
N VAL A 165 -13.42 -5.86 -10.13
CA VAL A 165 -14.05 -4.55 -10.06
C VAL A 165 -14.71 -4.20 -11.38
N LEU A 166 -13.98 -4.35 -12.49
CA LEU A 166 -14.51 -3.94 -13.78
C LEU A 166 -15.72 -4.76 -14.20
N SER A 167 -15.80 -6.01 -13.77
CA SER A 167 -17.00 -6.80 -14.04
C SER A 167 -18.18 -6.29 -13.21
N MET A 168 -17.92 -5.88 -11.96
CA MET A 168 -18.98 -5.37 -11.11
C MET A 168 -19.55 -4.07 -11.66
N VAL A 169 -18.67 -3.14 -12.07
CA VAL A 169 -19.13 -1.88 -12.64
C VAL A 169 -19.75 -2.05 -14.01
N GLY A 170 -19.72 -3.27 -14.57
CA GLY A 170 -20.28 -3.48 -15.89
C GLY A 170 -21.79 -3.27 -15.93
N ASP A 171 -22.48 -3.68 -14.86
CA ASP A 171 -23.92 -3.46 -14.81
C ASP A 171 -24.27 -2.04 -14.40
N TRP A 172 -23.40 -1.39 -13.62
CA TRP A 172 -23.63 0.00 -13.27
C TRP A 172 -23.47 0.90 -14.50
N LEU A 173 -22.40 0.68 -15.28
CA LEU A 173 -22.25 1.40 -16.53
C LEU A 173 -23.35 1.06 -17.52
N GLU A 174 -23.96 -0.12 -17.39
CA GLU A 174 -25.08 -0.48 -18.25
C GLU A 174 -26.32 0.34 -17.91
N LYS A 175 -26.37 0.94 -16.73
CA LYS A 175 -27.45 1.85 -16.38
C LYS A 175 -27.25 3.25 -16.94
N ARG A 176 -26.50 3.33 -18.03
CA ARG A 176 -26.21 4.56 -18.77
CA ARG A 176 -26.20 4.56 -18.77
C ARG A 176 -25.93 5.76 -17.86
N PRO A 177 -24.90 5.71 -17.02
CA PRO A 177 -24.49 6.91 -16.29
C PRO A 177 -23.82 7.90 -17.24
N GLY A 178 -24.07 9.19 -17.01
CA GLY A 178 -23.51 10.20 -17.89
C GLY A 178 -22.03 10.41 -17.69
N ALA A 179 -21.57 10.41 -16.43
CA ALA A 179 -20.16 10.55 -16.11
C ALA A 179 -19.75 9.39 -15.22
N PHE A 180 -18.44 9.13 -15.17
CA PHE A 180 -17.94 8.09 -14.28
C PHE A 180 -16.46 8.31 -14.01
N CYS A 181 -15.99 7.73 -12.90
CA CYS A 181 -14.58 7.68 -12.56
C CYS A 181 -14.34 6.42 -11.76
N ILE A 182 -13.55 5.50 -12.31
CA ILE A 182 -13.33 4.19 -11.73
C ILE A 182 -11.84 3.99 -11.53
N LYS A 183 -11.45 3.56 -10.33
CA LYS A 183 -10.05 3.34 -10.01
C LYS A 183 -9.56 2.05 -10.66
N VAL A 184 -8.47 2.14 -11.42
CA VAL A 184 -7.84 0.98 -12.03
C VAL A 184 -6.50 0.73 -11.34
N LEU A 185 -6.51 -0.13 -10.33
CA LEU A 185 -5.32 -0.37 -9.52
C LEU A 185 -4.18 -0.94 -10.36
N CYS A 186 -4.44 -2.04 -11.08
CA CYS A 186 -3.44 -2.69 -11.91
C CYS A 186 -3.86 -2.58 -13.37
N PRO A 187 -3.38 -1.56 -14.10
CA PRO A 187 -3.67 -1.47 -15.54
C PRO A 187 -2.53 -1.89 -16.45
N TYR A 188 -1.45 -2.46 -15.92
CA TYR A 188 -0.21 -2.62 -16.66
C TYR A 188 0.02 -4.02 -17.21
N THR A 189 -0.87 -4.96 -16.94
CA THR A 189 -0.67 -6.29 -17.52
C THR A 189 -1.25 -6.34 -18.93
N SER A 190 -0.91 -7.41 -19.65
CA SER A 190 -1.37 -7.56 -21.02
C SER A 190 -2.88 -7.74 -21.08
N THR A 191 -3.43 -8.52 -20.15
CA THR A 191 -4.86 -8.74 -20.15
C THR A 191 -5.63 -7.48 -19.75
N MET A 192 -5.10 -6.73 -18.77
CA MET A 192 -5.75 -5.49 -18.35
C MET A 192 -5.84 -4.51 -19.51
N MET A 193 -4.70 -4.23 -20.16
CA MET A 193 -4.72 -3.32 -21.30
C MET A 193 -5.63 -3.84 -22.42
N GLU A 194 -5.72 -5.16 -22.56
CA GLU A 194 -6.69 -5.74 -23.48
C GLU A 194 -8.11 -5.54 -22.98
N THR A 195 -8.33 -5.73 -21.68
CA THR A 195 -9.67 -5.57 -21.11
C THR A 195 -10.11 -4.13 -21.14
N LEU A 196 -9.24 -3.22 -20.66
CA LEU A 196 -9.60 -1.81 -20.58
C LEU A 196 -9.88 -1.24 -21.95
N GLU A 197 -9.10 -1.63 -22.96
CA GLU A 197 -9.35 -1.15 -24.30
C GLU A 197 -10.68 -1.65 -24.83
N ARG A 198 -11.12 -2.83 -24.40
N ARG A 198 -11.12 -2.82 -24.39
CA ARG A 198 -12.42 -3.32 -24.82
CA ARG A 198 -12.41 -3.35 -24.81
C ARG A 198 -13.55 -2.54 -24.17
C ARG A 198 -13.56 -2.58 -24.16
N LEU A 199 -13.44 -2.28 -22.86
CA LEU A 199 -14.46 -1.51 -22.18
C LEU A 199 -14.51 -0.07 -22.70
N GLN A 200 -13.38 0.44 -23.17
CA GLN A 200 -13.32 1.81 -23.66
C GLN A 200 -14.16 1.98 -24.92
N ARG A 201 -13.97 1.08 -25.90
CA ARG A 201 -14.76 1.15 -27.13
C ARG A 201 -16.25 1.16 -26.82
N ARG A 202 -16.63 0.54 -25.72
CA ARG A 202 -18.02 0.33 -25.37
C ARG A 202 -18.58 1.46 -24.50
N TYR A 203 -17.86 1.83 -23.47
CA TYR A 203 -18.31 2.85 -22.52
C TYR A 203 -17.57 4.17 -22.65
N GLY A 204 -16.67 4.30 -23.62
CA GLY A 204 -15.98 5.57 -23.80
C GLY A 204 -14.96 5.82 -22.70
N GLY A 205 -14.66 7.11 -22.51
CA GLY A 205 -13.76 7.53 -21.46
C GLY A 205 -12.32 7.16 -21.76
N GLY A 206 -11.44 7.51 -20.82
CA GLY A 206 -10.02 7.27 -20.96
C GLY A 206 -9.32 7.18 -19.63
N LEU A 207 -8.13 6.58 -19.66
CA LEU A 207 -7.34 6.36 -18.45
C LEU A 207 -6.45 7.57 -18.17
N VAL A 208 -6.30 7.88 -16.88
CA VAL A 208 -5.58 9.07 -16.43
C VAL A 208 -4.77 8.74 -15.18
N ARG A 209 -3.55 9.25 -15.13
CA ARG A 209 -2.68 9.14 -13.95
C ARG A 209 -2.74 10.43 -13.15
N VAL A 210 -2.84 10.30 -11.83
CA VAL A 210 -2.97 11.45 -10.93
C VAL A 210 -1.62 11.68 -10.25
N PRO A 211 -1.12 12.92 -10.22
CA PRO A 211 0.19 13.16 -9.60
C PRO A 211 0.19 12.93 -8.11
N LEU A 212 -0.96 13.06 -7.45
CA LEU A 212 -1.07 12.82 -6.02
C LEU A 212 -0.88 11.36 -5.63
N SER A 213 -0.81 10.48 -6.62
CA SER A 213 -0.61 9.06 -6.36
C SER A 213 0.85 8.79 -5.99
N ARG A 214 1.04 7.88 -5.04
CA ARG A 214 2.38 7.47 -4.65
C ARG A 214 3.02 6.63 -5.75
N ASN A 215 4.35 6.67 -5.79
CA ASN A 215 5.07 5.88 -6.79
C ASN A 215 5.05 4.39 -6.47
N SER A 216 4.59 4.01 -5.28
CA SER A 216 4.53 2.61 -4.90
C SER A 216 3.31 1.89 -5.48
N THR A 217 2.48 2.58 -6.26
CA THR A 217 1.31 1.97 -6.88
C THR A 217 1.19 2.44 -8.32
N HIS A 218 0.75 1.53 -9.19
CA HIS A 218 0.57 1.82 -10.60
C HIS A 218 -0.88 2.17 -10.93
N GLU A 219 -1.65 2.61 -9.94
CA GLU A 219 -3.07 2.87 -10.15
C GLU A 219 -3.28 4.05 -11.09
N MET A 220 -4.29 3.92 -11.94
CA MET A 220 -4.77 5.00 -12.79
C MET A 220 -6.29 5.03 -12.73
N TYR A 221 -6.87 6.12 -13.21
CA TYR A 221 -8.30 6.35 -13.06
C TYR A 221 -8.97 6.44 -14.42
N TRP A 222 -10.08 5.71 -14.55
CA TRP A 222 -10.82 5.55 -15.80
C TRP A 222 -11.97 6.54 -15.75
N VAL A 223 -11.75 7.72 -16.33
CA VAL A 223 -12.71 8.81 -16.26
C VAL A 223 -13.44 8.94 -17.59
N SER A 224 -14.58 9.62 -17.55
CA SER A 224 -15.43 9.77 -18.72
C SER A 224 -15.04 10.92 -19.63
N GLY A 225 -14.34 11.92 -19.11
CA GLY A 225 -13.96 13.07 -19.90
C GLY A 225 -12.67 12.95 -20.66
N ALA A 226 -11.92 11.87 -20.46
CA ALA A 226 -10.65 11.66 -21.15
C ALA A 226 -10.85 10.77 -22.36
N LYS A 227 -9.89 10.85 -23.28
CA LYS A 227 -9.84 9.94 -24.42
C LYS A 227 -8.41 9.56 -24.73
N SER A 228 -7.65 9.24 -23.68
CA SER A 228 -6.26 8.83 -23.87
C SER A 228 -6.18 7.40 -24.37
N ASN A 229 -5.12 7.11 -25.12
CA ASN A 229 -4.92 5.77 -25.64
C ASN A 229 -4.67 4.79 -24.50
N THR A 230 -5.22 3.59 -24.63
CA THR A 230 -5.12 2.60 -23.56
C THR A 230 -3.66 2.22 -23.32
N ILE A 231 -3.00 1.68 -24.34
CA ILE A 231 -1.66 1.14 -24.14
C ILE A 231 -0.63 2.27 -24.01
N LYS A 232 -0.88 3.43 -24.62
CA LYS A 232 0.09 4.51 -24.58
C LYS A 232 0.10 5.19 -23.22
N SER A 233 -1.07 5.46 -22.66
CA SER A 233 -1.11 6.15 -21.37
C SER A 233 -0.54 5.28 -20.25
N VAL A 234 -0.79 3.98 -20.29
CA VAL A 234 -0.22 3.08 -19.29
C VAL A 234 1.29 3.04 -19.41
N SER A 235 1.79 2.82 -20.63
CA SER A 235 3.22 2.73 -20.85
C SER A 235 3.92 4.02 -20.46
N THR A 236 3.26 5.16 -20.68
CA THR A 236 3.81 6.42 -20.22
C THR A 236 3.92 6.45 -18.70
N THR A 237 2.95 5.87 -18.02
CA THR A 237 2.98 5.83 -16.57
C THR A 237 3.94 4.76 -16.06
N SER A 238 4.01 3.62 -16.76
CA SER A 238 5.00 2.61 -16.41
C SER A 238 6.41 3.16 -16.49
N GLN A 239 6.68 3.94 -17.54
CA GLN A 239 8.00 4.54 -17.69
C GLN A 239 8.25 5.61 -16.64
N LEU A 240 7.20 6.29 -16.19
CA LEU A 240 7.36 7.34 -15.18
C LEU A 240 7.87 6.76 -13.87
N LEU A 241 7.17 5.77 -13.33
CA LEU A 241 7.55 5.20 -12.04
C LEU A 241 8.90 4.50 -12.11
N LEU A 242 9.25 3.95 -13.27
CA LEU A 242 10.55 3.32 -13.43
C LEU A 242 11.67 4.35 -13.41
N GLY A 243 11.48 5.46 -14.14
CA GLY A 243 12.47 6.52 -14.13
C GLY A 243 12.65 7.17 -12.78
N ARG A 244 11.67 7.04 -11.88
CA ARG A 244 11.77 7.59 -10.54
C ARG A 244 12.50 6.66 -9.57
N MET A 245 12.86 5.45 -10.00
CA MET A 245 13.65 4.56 -9.15
C MET A 245 15.14 4.73 -9.37
N ASP A 246 15.54 5.13 -10.57
CA ASP A 246 16.95 5.10 -10.94
C ASP A 246 17.68 6.35 -10.46
N GLY A 247 17.20 7.53 -10.85
CA GLY A 247 17.90 8.76 -10.57
C GLY A 247 17.87 9.10 -9.09
N PRO A 248 18.43 10.27 -8.75
CA PRO A 248 18.40 10.72 -7.36
C PRO A 248 16.99 10.96 -6.87
N ARG A 249 16.84 10.98 -5.55
CA ARG A 249 15.54 11.21 -4.95
C ARG A 249 15.11 12.66 -5.15
N ARG A 250 13.80 12.86 -5.29
CA ARG A 250 13.23 14.16 -5.53
C ARG A 250 12.32 14.59 -4.38
N PRO A 251 12.16 15.89 -4.16
CA PRO A 251 11.30 16.34 -3.06
C PRO A 251 9.82 16.16 -3.37
N VAL A 252 9.01 16.24 -2.34
CA VAL A 252 7.57 16.20 -2.48
C VAL A 252 7.07 17.61 -2.76
N LYS A 253 6.20 17.75 -3.75
CA LYS A 253 5.59 19.04 -4.08
C LYS A 253 4.34 19.20 -3.24
N TYR A 254 4.45 19.95 -2.15
CA TYR A 254 3.31 20.15 -1.26
C TYR A 254 2.41 21.26 -1.74
N GLU A 255 1.13 21.10 -1.48
CA GLU A 255 0.13 22.11 -1.83
C GLU A 255 -0.94 22.10 -0.75
N GLU A 256 -1.78 23.13 -0.79
CA GLU A 256 -2.81 23.30 0.22
C GLU A 256 -3.96 22.32 -0.03
N ASP A 257 -4.44 21.70 1.04
CA ASP A 257 -5.57 20.78 0.95
C ASP A 257 -6.85 21.55 0.62
N VAL A 258 -7.81 20.82 0.05
CA VAL A 258 -9.08 21.44 -0.34
C VAL A 258 -9.89 21.78 0.90
N ASN A 259 -10.64 22.88 0.82
CA ASN A 259 -11.59 23.28 1.85
C ASN A 259 -12.99 23.21 1.24
N LEU A 260 -13.85 22.39 1.84
CA LEU A 260 -15.16 22.12 1.28
C LEU A 260 -16.26 23.01 1.86
N GLY A 261 -15.90 24.01 2.66
CA GLY A 261 -16.90 24.89 3.20
C GLY A 261 -17.86 24.16 4.14
N SER A 262 -19.02 24.79 4.35
CA SER A 262 -20.06 24.20 5.19
C SER A 262 -21.41 24.67 4.66
N GLY A 263 -22.47 24.22 5.32
CA GLY A 263 -23.82 24.63 4.98
C GLY A 263 -24.60 23.51 4.32
N THR A 264 -25.91 23.73 4.24
CA THR A 264 -26.84 22.77 3.67
C THR A 264 -27.16 23.12 2.23
N ARG A 265 -27.81 22.18 1.56
CA ARG A 265 -28.21 22.35 0.18
C ARG A 265 -29.63 21.85 -0.01
N ALA A 266 -30.42 22.58 -0.80
CA ALA A 266 -31.81 22.23 -1.04
C ALA A 266 -31.95 21.36 -2.29
N THR B 5 21.57 -28.55 -16.49
CA THR B 5 20.32 -29.29 -16.46
C THR B 5 19.38 -28.86 -17.59
N GLY B 6 18.61 -29.82 -18.10
CA GLY B 6 17.62 -29.53 -19.13
C GLY B 6 16.21 -29.63 -18.58
N GLU B 7 16.00 -29.08 -17.39
CA GLU B 7 14.78 -29.24 -16.63
C GLU B 7 14.15 -27.88 -16.38
N THR B 8 12.84 -27.78 -16.63
CA THR B 8 12.14 -26.51 -16.47
C THR B 8 11.89 -26.22 -15.00
N LEU B 9 11.44 -24.98 -14.74
CA LEU B 9 11.04 -24.62 -13.39
C LEU B 9 9.95 -25.53 -12.87
N GLY B 10 8.91 -25.76 -13.70
CA GLY B 10 7.82 -26.61 -13.27
C GLY B 10 8.23 -28.06 -13.08
N GLU B 11 9.09 -28.57 -13.96
CA GLU B 11 9.59 -29.93 -13.79
C GLU B 11 10.40 -30.06 -12.51
N LYS B 12 11.11 -28.99 -12.12
CA LYS B 12 11.82 -29.00 -10.84
C LYS B 12 10.84 -29.01 -9.67
N TRP B 13 9.74 -28.26 -9.80
CA TRP B 13 8.73 -28.22 -8.73
C TRP B 13 8.15 -29.59 -8.47
N LYS B 14 7.89 -30.36 -9.52
CA LYS B 14 7.24 -31.65 -9.39
C LYS B 14 8.18 -32.71 -8.83
N ALA B 15 9.41 -32.76 -9.34
CA ALA B 15 10.40 -33.67 -8.77
C ALA B 15 10.60 -33.38 -7.29
N ARG B 16 10.63 -32.10 -6.93
CA ARG B 16 10.70 -31.73 -5.53
C ARG B 16 9.40 -32.06 -4.80
N LEU B 17 8.27 -32.00 -5.50
CA LEU B 17 7.00 -32.40 -4.90
C LEU B 17 6.96 -33.89 -4.63
N ASN B 18 7.49 -34.70 -5.56
CA ASN B 18 7.50 -36.14 -5.39
C ASN B 18 8.52 -36.61 -4.36
N GLN B 19 9.40 -35.72 -3.90
CA GLN B 19 10.36 -36.06 -2.86
C GLN B 19 9.92 -35.60 -1.48
N MET B 20 8.75 -34.96 -1.37
CA MET B 20 8.28 -34.50 -0.08
C MET B 20 7.86 -35.67 0.80
N SER B 21 8.14 -35.55 2.10
CA SER B 21 7.62 -36.52 3.05
C SER B 21 6.10 -36.38 3.15
N ALA B 22 5.48 -37.37 3.78
CA ALA B 22 4.03 -37.35 3.95
C ALA B 22 3.59 -36.10 4.69
N LEU B 23 4.36 -35.67 5.69
CA LEU B 23 4.00 -34.49 6.46
C LEU B 23 4.23 -33.22 5.66
N GLU B 24 5.40 -33.10 5.02
CA GLU B 24 5.69 -31.91 4.22
C GLU B 24 4.68 -31.75 3.10
N PHE B 25 4.40 -32.83 2.37
CA PHE B 25 3.43 -32.77 1.29
C PHE B 25 2.05 -32.43 1.83
N TYR B 26 1.68 -33.02 2.96
CA TYR B 26 0.34 -32.84 3.49
C TYR B 26 0.04 -31.39 3.80
N SER B 27 0.92 -30.75 4.58
CA SER B 27 0.69 -29.36 4.97
C SER B 27 0.84 -28.43 3.77
N TYR B 28 1.81 -28.72 2.90
CA TYR B 28 2.04 -27.89 1.72
C TYR B 28 0.90 -27.99 0.71
N LYS B 29 0.12 -29.07 0.75
CA LYS B 29 -0.88 -29.33 -0.27
C LYS B 29 -1.86 -28.17 -0.41
N LYS B 30 -2.35 -27.64 0.71
CA LYS B 30 -3.26 -26.50 0.69
C LYS B 30 -2.66 -25.33 1.45
N SER B 31 -1.34 -25.16 1.33
CA SER B 31 -0.64 -24.10 2.05
C SER B 31 -0.91 -22.76 1.37
N GLY B 32 -1.71 -21.92 2.02
CA GLY B 32 -1.97 -20.59 1.52
C GLY B 32 -2.92 -20.52 0.35
N ILE B 33 -3.54 -21.61 -0.04
CA ILE B 33 -4.47 -21.59 -1.17
C ILE B 33 -5.81 -21.03 -0.70
N THR B 34 -6.61 -20.63 -1.68
CA THR B 34 -7.98 -20.21 -1.40
C THR B 34 -8.88 -21.42 -1.48
N GLU B 35 -9.69 -21.63 -0.44
CA GLU B 35 -10.63 -22.74 -0.39
C GLU B 35 -11.99 -22.19 0.02
N VAL B 36 -13.04 -22.88 -0.41
CA VAL B 36 -14.40 -22.48 -0.07
C VAL B 36 -15.07 -23.60 0.71
N CYS B 37 -15.90 -23.23 1.68
CA CYS B 37 -16.49 -24.19 2.58
C CYS B 37 -17.59 -24.97 1.87
N ARG B 38 -17.50 -26.30 1.94
CA ARG B 38 -18.46 -27.16 1.28
C ARG B 38 -19.15 -28.11 2.24
N GLU B 39 -18.92 -27.96 3.55
CA GLU B 39 -19.51 -28.86 4.54
C GLU B 39 -21.03 -28.84 4.45
N GLU B 40 -21.63 -27.67 4.63
CA GLU B 40 -23.08 -27.54 4.57
C GLU B 40 -23.62 -27.90 3.19
N ALA B 41 -22.79 -27.84 2.16
CA ALA B 41 -23.27 -28.12 0.81
C ALA B 41 -23.63 -29.59 0.63
N ARG B 42 -22.83 -30.52 1.15
CA ARG B 42 -23.14 -31.93 0.93
C ARG B 42 -24.28 -32.44 1.78
N ARG B 43 -24.69 -31.72 2.81
CA ARG B 43 -25.95 -32.14 3.39
C ARG B 43 -27.11 -31.90 2.43
N ALA B 44 -26.82 -31.38 1.22
CA ALA B 44 -27.70 -31.51 0.08
C ALA B 44 -27.17 -32.51 -0.95
N LEU B 45 -25.92 -32.97 -0.81
CA LEU B 45 -25.36 -34.01 -1.67
C LEU B 45 -25.52 -35.39 -1.06
N LYS B 46 -25.34 -35.51 0.25
CA LYS B 46 -25.56 -36.78 0.93
C LYS B 46 -27.00 -36.98 1.37
N ASP B 47 -27.69 -35.89 1.73
CA ASP B 47 -29.10 -35.94 2.10
C ASP B 47 -29.97 -35.67 0.88
N GLY B 48 -29.88 -34.48 0.28
CA GLY B 48 -30.55 -34.24 -0.97
C GLY B 48 -31.49 -33.05 -1.03
N VAL B 49 -31.22 -32.01 -0.23
CA VAL B 49 -32.01 -30.77 -0.32
C VAL B 49 -31.74 -30.15 -1.69
N ALA B 50 -32.67 -30.35 -2.62
CA ALA B 50 -32.43 -30.09 -4.03
C ALA B 50 -32.84 -28.69 -4.48
N THR B 51 -33.19 -27.79 -3.56
CA THR B 51 -33.48 -26.41 -3.96
C THR B 51 -32.86 -25.38 -3.01
N GLY B 52 -31.95 -25.79 -2.13
CA GLY B 52 -31.23 -24.82 -1.33
C GLY B 52 -30.27 -23.95 -2.11
N GLY B 53 -30.14 -24.19 -3.42
CA GLY B 53 -29.24 -23.43 -4.24
C GLY B 53 -27.79 -23.84 -4.18
N HIS B 54 -27.49 -25.01 -3.60
CA HIS B 54 -26.12 -25.44 -3.38
C HIS B 54 -25.44 -25.79 -4.70
N ALA B 55 -24.11 -25.65 -4.70
CA ALA B 55 -23.32 -26.09 -5.84
C ALA B 55 -23.11 -27.59 -5.79
N VAL B 56 -23.16 -28.23 -6.96
CA VAL B 56 -23.09 -29.68 -7.01
C VAL B 56 -21.70 -30.18 -6.66
N SER B 57 -20.68 -29.33 -6.76
CA SER B 57 -19.32 -29.71 -6.44
C SER B 57 -18.52 -28.42 -6.20
N ARG B 58 -17.20 -28.57 -6.12
CA ARG B 58 -16.33 -27.41 -5.92
C ARG B 58 -16.00 -26.69 -7.22
N GLY B 59 -16.18 -27.34 -8.36
CA GLY B 59 -15.86 -26.72 -9.63
C GLY B 59 -16.65 -25.47 -9.93
N SER B 60 -17.85 -25.34 -9.34
CA SER B 60 -18.67 -24.16 -9.59
C SER B 60 -18.02 -22.90 -9.03
N ALA B 61 -17.47 -22.97 -7.82
CA ALA B 61 -16.79 -21.81 -7.24
C ALA B 61 -15.50 -21.47 -7.96
N LYS B 62 -14.87 -22.45 -8.63
CA LYS B 62 -13.65 -22.18 -9.37
C LYS B 62 -13.94 -21.43 -10.65
N LEU B 63 -14.91 -21.90 -11.44
CA LEU B 63 -15.30 -21.22 -12.66
C LEU B 63 -15.91 -19.85 -12.36
N ARG B 64 -16.64 -19.72 -11.26
CA ARG B 64 -17.19 -18.43 -10.89
C ARG B 64 -16.09 -17.39 -10.71
N TRP B 65 -14.96 -17.80 -10.13
CA TRP B 65 -13.83 -16.88 -9.97
C TRP B 65 -13.40 -16.30 -11.31
N LEU B 66 -13.48 -17.10 -12.38
CA LEU B 66 -13.06 -16.65 -13.70
C LEU B 66 -14.09 -15.73 -14.34
N VAL B 67 -15.38 -16.06 -14.21
CA VAL B 67 -16.41 -15.30 -14.91
C VAL B 67 -16.63 -13.94 -14.27
N GLU B 68 -16.72 -13.89 -12.93
CA GLU B 68 -16.92 -12.63 -12.22
C GLU B 68 -15.72 -11.70 -12.31
N ARG B 69 -14.72 -12.10 -13.09
CA ARG B 69 -13.57 -11.26 -13.42
C ARG B 69 -13.39 -11.09 -14.92
N GLY B 70 -14.37 -11.49 -15.71
CA GLY B 70 -14.29 -11.28 -17.14
C GLY B 70 -13.24 -12.11 -17.84
N TYR B 71 -12.69 -13.13 -17.17
CA TYR B 71 -11.73 -14.01 -17.82
C TYR B 71 -12.37 -14.77 -18.98
N LEU B 72 -13.69 -14.90 -18.96
CA LEU B 72 -14.49 -15.25 -20.13
C LEU B 72 -15.91 -14.80 -19.83
N GLN B 73 -16.67 -14.51 -20.88
CA GLN B 73 -18.03 -14.01 -20.76
C GLN B 73 -18.97 -14.96 -21.49
N PRO B 74 -19.41 -16.02 -20.83
CA PRO B 74 -20.24 -17.04 -21.50
C PRO B 74 -21.54 -16.47 -22.01
N TYR B 75 -22.00 -17.02 -23.13
CA TYR B 75 -23.22 -16.57 -23.77
C TYR B 75 -23.71 -17.65 -24.72
N GLY B 76 -24.99 -17.57 -25.07
CA GLY B 76 -25.54 -18.43 -26.10
C GLY B 76 -25.50 -19.90 -25.71
N LYS B 77 -24.99 -20.73 -26.62
CA LYS B 77 -24.96 -22.17 -26.43
C LYS B 77 -23.66 -22.60 -25.77
N VAL B 78 -23.78 -23.51 -24.80
CA VAL B 78 -22.65 -23.95 -24.00
C VAL B 78 -22.52 -25.46 -24.12
N ILE B 79 -21.28 -25.93 -24.19
CA ILE B 79 -20.97 -27.36 -24.17
C ILE B 79 -19.88 -27.57 -23.13
N ASP B 80 -20.14 -28.44 -22.16
CA ASP B 80 -19.21 -28.72 -21.06
C ASP B 80 -18.71 -30.16 -21.21
N LEU B 81 -17.47 -30.30 -21.68
CA LEU B 81 -16.86 -31.61 -21.88
C LEU B 81 -16.24 -32.09 -20.58
N GLY B 82 -16.62 -33.28 -20.13
CA GLY B 82 -16.19 -33.76 -18.83
C GLY B 82 -17.01 -33.13 -17.74
N CYS B 83 -18.34 -33.23 -17.85
CA CYS B 83 -19.18 -32.51 -16.91
C CYS B 83 -19.09 -33.09 -15.50
N GLY B 84 -18.72 -34.35 -15.34
CA GLY B 84 -18.77 -34.96 -14.03
C GLY B 84 -20.15 -34.78 -13.44
N ARG B 85 -20.21 -34.32 -12.19
CA ARG B 85 -21.49 -33.99 -11.57
C ARG B 85 -22.23 -32.91 -12.36
N GLY B 86 -21.52 -31.90 -12.81
CA GLY B 86 -22.12 -30.78 -13.51
C GLY B 86 -21.90 -29.47 -12.79
N GLY B 87 -20.74 -29.33 -12.14
CA GLY B 87 -20.45 -28.11 -11.41
C GLY B 87 -20.49 -26.88 -12.29
N TRP B 88 -19.82 -26.95 -13.43
CA TRP B 88 -19.75 -25.82 -14.33
C TRP B 88 -21.01 -25.63 -15.15
N SER B 89 -21.80 -26.69 -15.32
CA SER B 89 -23.02 -26.58 -16.10
C SER B 89 -24.12 -25.90 -15.30
N TYR B 90 -24.28 -26.25 -14.02
CA TYR B 90 -25.29 -25.61 -13.20
C TYR B 90 -24.96 -24.15 -12.91
N TYR B 91 -23.69 -23.78 -13.00
CA TYR B 91 -23.31 -22.39 -12.80
C TYR B 91 -23.47 -21.58 -14.08
N ALA B 92 -23.12 -22.17 -15.22
CA ALA B 92 -23.33 -21.48 -16.50
C ALA B 92 -24.80 -21.20 -16.74
N ALA B 93 -25.69 -21.98 -16.11
CA ALA B 93 -27.12 -21.72 -16.20
C ALA B 93 -27.52 -20.47 -15.44
N THR B 94 -26.76 -20.10 -14.40
CA THR B 94 -27.01 -18.85 -13.71
C THR B 94 -26.66 -17.65 -14.59
N ILE B 95 -25.65 -17.79 -15.45
CA ILE B 95 -25.30 -16.72 -16.38
C ILE B 95 -26.43 -16.52 -17.37
N ARG B 96 -26.76 -15.25 -17.64
CA ARG B 96 -28.01 -14.93 -18.32
C ARG B 96 -27.86 -14.75 -19.83
N LYS B 97 -26.69 -14.34 -20.33
CA LYS B 97 -26.48 -14.36 -21.77
C LYS B 97 -26.42 -15.80 -22.30
N VAL B 98 -26.19 -16.76 -21.41
CA VAL B 98 -26.21 -18.16 -21.79
C VAL B 98 -27.65 -18.61 -21.92
N GLN B 99 -27.99 -19.19 -23.08
CA GLN B 99 -29.34 -19.64 -23.35
C GLN B 99 -29.53 -21.15 -23.19
N GLU B 100 -28.45 -21.94 -23.22
CA GLU B 100 -28.57 -23.39 -23.22
C GLU B 100 -27.21 -24.01 -22.91
N VAL B 101 -27.23 -25.11 -22.16
CA VAL B 101 -26.05 -25.85 -21.75
C VAL B 101 -26.27 -27.34 -22.00
N LYS B 102 -25.20 -28.05 -22.38
CA LYS B 102 -25.27 -29.49 -22.56
C LYS B 102 -23.97 -30.12 -22.05
N GLY B 103 -24.12 -31.14 -21.21
CA GLY B 103 -22.97 -31.81 -20.60
C GLY B 103 -22.70 -33.17 -21.22
N TYR B 104 -21.43 -33.58 -21.17
CA TYR B 104 -20.99 -34.84 -21.76
C TYR B 104 -19.92 -35.45 -20.85
N THR B 105 -20.31 -36.43 -20.05
CA THR B 105 -19.38 -37.18 -19.22
C THR B 105 -19.37 -38.64 -19.65
N LYS B 106 -18.27 -39.30 -19.31
CA LYS B 106 -18.10 -40.71 -19.64
C LYS B 106 -18.66 -41.62 -18.55
N GLY B 107 -18.67 -41.16 -17.30
CA GLY B 107 -19.21 -41.98 -16.25
C GLY B 107 -18.38 -43.23 -16.02
N GLY B 108 -19.06 -44.29 -15.58
CA GLY B 108 -18.39 -45.51 -15.20
C GLY B 108 -18.19 -45.56 -13.71
N PRO B 109 -17.91 -46.76 -13.17
CA PRO B 109 -17.81 -46.89 -11.72
C PRO B 109 -16.58 -46.23 -11.12
N GLY B 110 -15.54 -46.01 -11.91
CA GLY B 110 -14.37 -45.29 -11.47
C GLY B 110 -14.42 -43.79 -11.73
N HIS B 111 -15.56 -43.26 -12.13
CA HIS B 111 -15.70 -41.85 -12.44
C HIS B 111 -17.01 -41.33 -11.87
N GLU B 112 -17.11 -40.01 -11.76
CA GLU B 112 -18.28 -39.38 -11.18
C GLU B 112 -19.39 -39.23 -12.21
N GLU B 113 -20.63 -39.44 -11.77
CA GLU B 113 -21.79 -39.44 -12.64
C GLU B 113 -22.25 -38.01 -12.89
N PRO B 114 -23.34 -37.81 -13.65
CA PRO B 114 -24.02 -36.51 -13.63
C PRO B 114 -25.23 -36.47 -12.69
N MET B 115 -25.37 -35.38 -11.93
CA MET B 115 -26.40 -35.26 -10.90
C MET B 115 -27.62 -34.48 -11.41
N LEU B 116 -28.79 -34.79 -10.83
CA LEU B 116 -29.99 -33.99 -11.05
C LEU B 116 -30.22 -32.99 -9.93
N VAL B 117 -29.15 -32.42 -9.40
CA VAL B 117 -29.26 -31.26 -8.52
C VAL B 117 -30.04 -30.17 -9.26
N GLN B 118 -30.81 -29.39 -8.51
CA GLN B 118 -31.74 -28.44 -9.12
C GLN B 118 -31.53 -27.03 -8.57
N SER B 119 -30.95 -26.17 -9.39
CA SER B 119 -30.78 -24.77 -9.04
C SER B 119 -31.32 -23.88 -10.16
N TYR B 120 -31.05 -22.58 -10.08
CA TYR B 120 -31.62 -21.63 -11.02
C TYR B 120 -31.06 -21.85 -12.43
N GLY B 121 -31.96 -21.97 -13.39
CA GLY B 121 -31.60 -22.11 -14.78
C GLY B 121 -31.40 -23.53 -15.26
N TRP B 122 -32.20 -24.48 -14.79
CA TRP B 122 -31.86 -25.87 -15.07
C TRP B 122 -32.48 -26.36 -16.37
N ASN B 123 -33.71 -25.95 -16.68
CA ASN B 123 -34.46 -26.50 -17.80
C ASN B 123 -33.67 -26.47 -19.11
N ILE B 124 -32.57 -25.72 -19.12
CA ILE B 124 -31.64 -25.73 -20.24
C ILE B 124 -30.52 -26.76 -20.06
N VAL B 125 -30.45 -27.44 -18.92
CA VAL B 125 -29.31 -28.29 -18.60
C VAL B 125 -29.61 -29.73 -19.02
N ARG B 126 -28.66 -30.34 -19.71
CA ARG B 126 -28.75 -31.75 -20.12
C ARG B 126 -27.36 -32.36 -20.01
N LEU B 127 -27.18 -33.26 -19.05
CA LEU B 127 -25.90 -33.91 -18.79
C LEU B 127 -26.03 -35.37 -19.18
N LYS B 128 -25.30 -35.77 -20.22
CA LYS B 128 -25.32 -37.15 -20.70
C LYS B 128 -24.09 -37.89 -20.19
N SER B 129 -24.31 -39.06 -19.62
CA SER B 129 -23.23 -39.92 -19.13
C SER B 129 -22.97 -41.06 -20.10
N GLY B 130 -21.77 -41.61 -19.99
CA GLY B 130 -21.37 -42.67 -20.90
C GLY B 130 -20.85 -42.18 -22.22
N VAL B 131 -20.25 -40.99 -22.25
CA VAL B 131 -19.81 -40.36 -23.49
C VAL B 131 -18.30 -40.15 -23.41
N ASP B 132 -17.58 -40.79 -24.31
CA ASP B 132 -16.14 -40.55 -24.46
C ASP B 132 -15.95 -39.39 -25.42
N VAL B 133 -15.48 -38.26 -24.90
CA VAL B 133 -15.39 -37.05 -25.71
C VAL B 133 -14.29 -37.16 -26.75
N PHE B 134 -13.25 -37.97 -26.49
CA PHE B 134 -12.17 -38.11 -27.46
C PHE B 134 -12.63 -38.80 -28.74
N HIS B 135 -13.76 -39.51 -28.69
CA HIS B 135 -14.34 -40.15 -29.86
C HIS B 135 -15.65 -39.49 -30.29
N MET B 136 -16.00 -38.35 -29.70
CA MET B 136 -17.19 -37.61 -30.04
C MET B 136 -16.86 -36.51 -31.04
N ALA B 137 -17.72 -36.34 -32.03
CA ALA B 137 -17.51 -35.32 -33.05
C ALA B 137 -17.82 -33.93 -32.50
N ALA B 138 -17.12 -32.94 -33.04
CA ALA B 138 -17.30 -31.56 -32.60
C ALA B 138 -18.57 -30.97 -33.20
N GLU B 139 -19.30 -30.25 -32.36
CA GLU B 139 -20.50 -29.52 -32.73
C GLU B 139 -20.24 -28.02 -32.66
N PRO B 140 -21.08 -27.19 -33.30
CA PRO B 140 -20.91 -25.74 -33.14
C PRO B 140 -21.55 -25.25 -31.85
N CYS B 141 -20.91 -24.27 -31.23
CA CYS B 141 -21.40 -23.74 -29.97
C CYS B 141 -20.82 -22.34 -29.77
N ASP B 142 -21.45 -21.60 -28.86
CA ASP B 142 -20.96 -20.26 -28.52
C ASP B 142 -19.93 -20.29 -27.41
N THR B 143 -20.06 -21.21 -26.46
CA THR B 143 -19.13 -21.34 -25.35
C THR B 143 -18.63 -22.78 -25.28
N LEU B 144 -17.32 -22.95 -25.18
CA LEU B 144 -16.69 -24.27 -25.09
C LEU B 144 -15.95 -24.38 -23.76
N LEU B 145 -16.27 -25.42 -23.00
CA LEU B 145 -15.65 -25.66 -21.71
C LEU B 145 -15.11 -27.09 -21.67
N CYS B 146 -14.00 -27.26 -20.97
CA CYS B 146 -13.35 -28.57 -20.88
C CYS B 146 -12.52 -28.61 -19.61
N ASP B 147 -12.86 -29.52 -18.69
CA ASP B 147 -12.21 -29.65 -17.39
C ASP B 147 -11.60 -31.03 -17.21
N ILE B 148 -10.97 -31.55 -18.25
CA ILE B 148 -10.47 -32.91 -18.27
C ILE B 148 -8.96 -32.90 -18.02
N GLY B 149 -8.50 -33.86 -17.22
CA GLY B 149 -7.09 -33.99 -16.93
C GLY B 149 -6.81 -34.60 -15.57
N GLU B 150 -6.41 -35.88 -15.54
CA GLU B 150 -6.13 -36.58 -14.30
C GLU B 150 -4.64 -36.48 -13.96
N SER B 151 -4.35 -36.32 -12.67
CA SER B 151 -3.00 -36.07 -12.21
C SER B 151 -2.15 -37.35 -12.26
N SER B 152 -0.85 -37.16 -12.46
CA SER B 152 0.10 -38.26 -12.47
C SER B 152 1.40 -37.77 -11.89
N SER B 153 2.04 -38.62 -11.08
CA SER B 153 3.33 -38.27 -10.49
C SER B 153 4.44 -38.13 -11.52
N SER B 154 4.19 -38.52 -12.77
CA SER B 154 5.18 -38.38 -13.83
C SER B 154 4.86 -37.14 -14.65
N PRO B 155 5.77 -36.18 -14.77
CA PRO B 155 5.49 -35.00 -15.60
C PRO B 155 5.33 -35.36 -17.07
N GLU B 156 5.89 -36.47 -17.52
CA GLU B 156 5.74 -36.90 -18.91
C GLU B 156 4.38 -37.52 -19.17
N VAL B 157 3.72 -38.06 -18.13
CA VAL B 157 2.39 -38.61 -18.30
C VAL B 157 1.34 -37.51 -18.28
N GLU B 158 1.47 -36.56 -17.34
CA GLU B 158 0.55 -35.42 -17.31
C GLU B 158 0.59 -34.64 -18.63
N GLU B 159 1.78 -34.54 -19.23
CA GLU B 159 1.90 -33.81 -20.48
C GLU B 159 1.21 -34.54 -21.63
N ALA B 160 1.42 -35.85 -21.73
CA ALA B 160 0.83 -36.62 -22.82
C ALA B 160 -0.69 -36.57 -22.78
N ARG B 161 -1.28 -36.52 -21.59
CA ARG B 161 -2.72 -36.41 -21.48
C ARG B 161 -3.20 -35.01 -21.76
N THR B 162 -2.42 -34.00 -21.33
CA THR B 162 -2.75 -32.63 -21.64
C THR B 162 -2.76 -32.41 -23.14
N LEU B 163 -1.79 -32.99 -23.85
CA LEU B 163 -1.74 -32.85 -25.29
C LEU B 163 -2.94 -33.53 -25.95
N ARG B 164 -3.30 -34.73 -25.49
CA ARG B 164 -4.45 -35.43 -26.06
C ARG B 164 -5.72 -34.60 -25.92
N VAL B 165 -5.84 -33.84 -24.83
CA VAL B 165 -6.97 -32.94 -24.68
C VAL B 165 -6.86 -31.78 -25.66
N LEU B 166 -5.68 -31.15 -25.74
CA LEU B 166 -5.52 -29.98 -26.59
C LEU B 166 -5.73 -30.32 -28.06
N SER B 167 -5.46 -31.56 -28.46
CA SER B 167 -5.77 -31.94 -29.83
C SER B 167 -7.27 -32.15 -30.03
N MET B 168 -7.94 -32.72 -29.02
CA MET B 168 -9.37 -32.94 -29.12
C MET B 168 -10.14 -31.62 -29.17
N VAL B 169 -9.75 -30.65 -28.33
CA VAL B 169 -10.38 -29.35 -28.39
C VAL B 169 -10.10 -28.61 -29.68
N GLY B 170 -9.15 -29.10 -30.48
CA GLY B 170 -8.83 -28.43 -31.73
C GLY B 170 -9.99 -28.40 -32.69
N ASP B 171 -10.73 -29.50 -32.79
CA ASP B 171 -11.89 -29.55 -33.68
C ASP B 171 -13.09 -28.81 -33.10
N TRP B 172 -13.15 -28.66 -31.77
CA TRP B 172 -14.24 -27.91 -31.17
C TRP B 172 -14.04 -26.42 -31.35
N LEU B 173 -12.84 -25.91 -31.05
CA LEU B 173 -12.52 -24.52 -31.31
C LEU B 173 -12.57 -24.20 -32.80
N GLU B 174 -12.52 -25.23 -33.65
CA GLU B 174 -12.53 -25.00 -35.09
C GLU B 174 -13.84 -24.39 -35.55
N LYS B 175 -14.95 -24.73 -34.88
CA LYS B 175 -16.25 -24.17 -35.20
C LYS B 175 -16.55 -22.90 -34.41
N ARG B 176 -15.53 -22.28 -33.82
CA ARG B 176 -15.52 -20.90 -33.32
C ARG B 176 -16.50 -20.60 -32.20
N PRO B 177 -16.33 -21.18 -31.01
CA PRO B 177 -16.99 -20.60 -29.84
C PRO B 177 -16.49 -19.18 -29.61
N GLY B 178 -17.38 -18.31 -29.15
CA GLY B 178 -16.98 -16.95 -28.84
C GLY B 178 -16.20 -16.84 -27.55
N ALA B 179 -16.48 -17.71 -26.59
CA ALA B 179 -15.75 -17.77 -25.33
C ALA B 179 -15.38 -19.23 -25.05
N PHE B 180 -14.25 -19.41 -24.37
CA PHE B 180 -13.83 -20.77 -24.04
C PHE B 180 -12.99 -20.77 -22.76
N CYS B 181 -13.02 -21.91 -22.08
CA CYS B 181 -12.19 -22.14 -20.90
C CYS B 181 -11.80 -23.61 -20.88
N ILE B 182 -10.49 -23.87 -20.99
CA ILE B 182 -9.97 -25.23 -21.13
C ILE B 182 -8.90 -25.43 -20.06
N LYS B 183 -9.01 -26.52 -19.30
CA LYS B 183 -8.09 -26.83 -18.22
C LYS B 183 -6.78 -27.36 -18.80
N VAL B 184 -5.67 -26.71 -18.46
CA VAL B 184 -4.34 -27.15 -18.87
C VAL B 184 -3.67 -27.75 -17.65
N LEU B 185 -3.73 -29.09 -17.54
CA LEU B 185 -3.25 -29.78 -16.35
C LEU B 185 -1.74 -29.60 -16.16
N CYS B 186 -0.98 -29.78 -17.24
CA CYS B 186 0.48 -29.70 -17.18
C CYS B 186 0.94 -28.71 -18.24
N PRO B 187 1.27 -27.49 -17.85
CA PRO B 187 1.71 -26.50 -18.84
C PRO B 187 3.20 -26.18 -18.76
N TYR B 188 3.93 -26.83 -17.86
CA TYR B 188 5.25 -26.38 -17.45
C TYR B 188 6.40 -27.05 -18.19
N THR B 189 6.13 -27.95 -19.13
CA THR B 189 7.21 -28.59 -19.86
C THR B 189 7.56 -27.79 -21.11
N SER B 190 8.65 -28.18 -21.76
CA SER B 190 9.13 -27.46 -22.93
C SER B 190 8.18 -27.64 -24.11
N THR B 191 7.75 -28.87 -24.37
CA THR B 191 6.81 -29.11 -25.45
C THR B 191 5.47 -28.44 -25.18
N MET B 192 5.03 -28.45 -23.92
CA MET B 192 3.73 -27.87 -23.58
C MET B 192 3.70 -26.37 -23.87
N MET B 193 4.67 -25.63 -23.33
CA MET B 193 4.70 -24.20 -23.58
C MET B 193 4.86 -23.90 -25.06
N GLU B 194 5.54 -24.77 -25.79
CA GLU B 194 5.64 -24.62 -27.24
C GLU B 194 4.29 -24.83 -27.91
N THR B 195 3.56 -25.86 -27.48
CA THR B 195 2.27 -26.17 -28.10
C THR B 195 1.23 -25.13 -27.74
N LEU B 196 1.17 -24.75 -26.46
CA LEU B 196 0.19 -23.76 -26.02
C LEU B 196 0.40 -22.43 -26.72
N GLU B 197 1.66 -22.05 -26.94
CA GLU B 197 1.91 -20.80 -27.64
C GLU B 197 1.46 -20.88 -29.09
N ARG B 198 1.56 -22.07 -29.70
CA ARG B 198 1.06 -22.25 -31.05
C ARG B 198 -0.46 -22.13 -31.09
N LEU B 199 -1.15 -22.78 -30.15
CA LEU B 199 -2.60 -22.72 -30.12
C LEU B 199 -3.12 -21.32 -29.83
N GLN B 200 -2.36 -20.53 -29.07
CA GLN B 200 -2.80 -19.19 -28.72
C GLN B 200 -2.67 -18.25 -29.92
N ARG B 201 -1.61 -18.42 -30.72
CA ARG B 201 -1.49 -17.63 -31.94
C ARG B 201 -2.67 -17.85 -32.86
N ARG B 202 -3.24 -19.05 -32.84
CA ARG B 202 -4.30 -19.41 -33.73
C ARG B 202 -5.67 -19.15 -33.08
N TYR B 203 -5.83 -19.51 -31.81
CA TYR B 203 -7.12 -19.37 -31.18
C TYR B 203 -7.20 -18.24 -30.16
N GLY B 204 -6.11 -17.49 -29.94
CA GLY B 204 -6.20 -16.38 -29.01
C GLY B 204 -6.26 -16.84 -27.57
N GLY B 205 -6.71 -15.93 -26.71
CA GLY B 205 -6.84 -16.22 -25.30
C GLY B 205 -5.51 -16.18 -24.57
N GLY B 206 -5.55 -16.62 -23.32
CA GLY B 206 -4.35 -16.65 -22.50
C GLY B 206 -4.52 -17.55 -21.30
N LEU B 207 -3.40 -17.86 -20.66
CA LEU B 207 -3.36 -18.76 -19.52
C LEU B 207 -3.46 -17.98 -18.22
N VAL B 208 -4.18 -18.54 -17.25
CA VAL B 208 -4.39 -17.90 -15.96
C VAL B 208 -4.42 -18.98 -14.88
N ARG B 209 -3.84 -18.67 -13.73
CA ARG B 209 -3.80 -19.54 -12.58
C ARG B 209 -4.91 -19.16 -11.60
N VAL B 210 -5.61 -20.15 -11.07
CA VAL B 210 -6.73 -19.94 -10.16
C VAL B 210 -6.26 -20.17 -8.73
N PRO B 211 -6.52 -19.25 -7.80
CA PRO B 211 -6.04 -19.44 -6.43
C PRO B 211 -6.68 -20.61 -5.73
N LEU B 212 -7.85 -21.06 -6.19
CA LEU B 212 -8.56 -22.17 -5.59
C LEU B 212 -7.87 -23.50 -5.82
N SER B 213 -6.90 -23.55 -6.74
CA SER B 213 -6.17 -24.78 -7.00
C SER B 213 -5.14 -25.05 -5.92
N ARG B 214 -5.04 -26.30 -5.51
CA ARG B 214 -4.03 -26.70 -4.54
C ARG B 214 -2.64 -26.57 -5.14
N ASN B 215 -1.64 -26.45 -4.27
CA ASN B 215 -0.26 -26.35 -4.70
C ASN B 215 0.32 -27.68 -5.15
N SER B 216 -0.44 -28.77 -5.01
CA SER B 216 0.00 -30.08 -5.48
C SER B 216 -0.18 -30.26 -6.97
N THR B 217 -0.82 -29.33 -7.66
CA THR B 217 -1.04 -29.43 -9.08
C THR B 217 -0.66 -28.12 -9.76
N HIS B 218 -0.09 -28.23 -10.96
CA HIS B 218 0.28 -27.07 -11.78
C HIS B 218 -0.79 -26.77 -12.83
N GLU B 219 -2.04 -27.13 -12.56
CA GLU B 219 -3.12 -26.89 -13.51
C GLU B 219 -3.35 -25.39 -13.68
N MET B 220 -3.41 -24.96 -14.94
CA MET B 220 -3.82 -23.61 -15.30
C MET B 220 -4.93 -23.70 -16.34
N TYR B 221 -5.61 -22.59 -16.55
CA TYR B 221 -6.80 -22.57 -17.40
C TYR B 221 -6.61 -21.61 -18.56
N TRP B 222 -6.90 -22.09 -19.77
CA TRP B 222 -6.75 -21.33 -21.00
C TRP B 222 -8.10 -20.67 -21.30
N VAL B 223 -8.20 -19.39 -20.98
CA VAL B 223 -9.47 -18.66 -21.12
C VAL B 223 -9.36 -17.69 -22.30
N SER B 224 -10.52 -17.27 -22.79
CA SER B 224 -10.57 -16.40 -23.96
C SER B 224 -10.32 -14.95 -23.61
N GLY B 225 -10.71 -14.52 -22.42
CA GLY B 225 -10.57 -13.13 -22.03
C GLY B 225 -9.21 -12.71 -21.54
N ALA B 226 -8.25 -13.62 -21.49
CA ALA B 226 -6.90 -13.31 -21.05
C ALA B 226 -5.99 -13.07 -22.25
N LYS B 227 -4.86 -12.42 -21.98
CA LYS B 227 -3.83 -12.19 -23.00
C LYS B 227 -2.43 -12.27 -22.40
N SER B 228 -2.26 -13.06 -21.35
CA SER B 228 -0.96 -13.20 -20.71
C SER B 228 0.01 -13.95 -21.62
N ASN B 229 1.29 -13.70 -21.39
CA ASN B 229 2.33 -14.40 -22.13
C ASN B 229 2.37 -15.86 -21.73
N THR B 230 2.56 -16.74 -22.72
CA THR B 230 2.55 -18.18 -22.46
C THR B 230 3.65 -18.56 -21.47
N ILE B 231 4.90 -18.29 -21.84
CA ILE B 231 6.03 -18.70 -21.02
C ILE B 231 6.02 -17.96 -19.68
N LYS B 232 5.74 -16.66 -19.72
CA LYS B 232 5.85 -15.83 -18.53
C LYS B 232 4.86 -16.24 -17.44
N SER B 233 3.59 -16.40 -17.81
CA SER B 233 2.58 -16.74 -16.82
C SER B 233 2.80 -18.14 -16.24
N VAL B 234 3.29 -19.08 -17.07
CA VAL B 234 3.59 -20.41 -16.55
C VAL B 234 4.78 -20.35 -15.61
N SER B 235 5.86 -19.66 -16.03
CA SER B 235 7.01 -19.50 -15.15
C SER B 235 6.62 -18.78 -13.87
N THR B 236 5.70 -17.82 -13.97
CA THR B 236 5.22 -17.15 -12.78
C THR B 236 4.56 -18.13 -11.83
N THR B 237 3.80 -19.08 -12.38
CA THR B 237 3.14 -20.06 -11.54
C THR B 237 4.14 -21.06 -10.98
N SER B 238 5.15 -21.43 -11.78
CA SER B 238 6.20 -22.32 -11.29
C SER B 238 6.88 -21.74 -10.06
N GLN B 239 7.28 -20.47 -10.15
CA GLN B 239 7.96 -19.82 -9.03
C GLN B 239 7.04 -19.67 -7.82
N LEU B 240 5.73 -19.58 -8.06
CA LEU B 240 4.79 -19.44 -6.96
C LEU B 240 4.75 -20.72 -6.12
N LEU B 241 4.46 -21.86 -6.75
CA LEU B 241 4.35 -23.11 -6.02
C LEU B 241 5.69 -23.50 -5.40
N LEU B 242 6.80 -23.13 -6.04
CA LEU B 242 8.11 -23.40 -5.47
C LEU B 242 8.31 -22.64 -4.16
N GLY B 243 8.04 -21.33 -4.17
CA GLY B 243 8.15 -20.56 -2.95
C GLY B 243 7.22 -21.03 -1.85
N ARG B 244 6.10 -21.65 -2.24
CA ARG B 244 5.20 -22.24 -1.25
C ARG B 244 5.84 -23.43 -0.54
N MET B 245 6.78 -24.10 -1.19
CA MET B 245 7.44 -25.24 -0.57
C MET B 245 8.38 -24.82 0.55
N ASP B 246 8.85 -23.58 0.53
CA ASP B 246 9.84 -23.11 1.48
C ASP B 246 9.17 -22.56 2.74
N GLY B 247 9.91 -22.66 3.86
CA GLY B 247 9.47 -22.05 5.09
C GLY B 247 8.29 -22.73 5.73
N PRO B 248 7.81 -22.18 6.85
CA PRO B 248 6.60 -22.71 7.49
C PRO B 248 5.35 -22.55 6.64
N ARG B 249 4.21 -22.93 7.21
CA ARG B 249 3.00 -23.16 6.45
C ARG B 249 2.03 -21.99 6.62
N ARG B 250 1.35 -21.62 5.53
CA ARG B 250 0.41 -20.52 5.64
C ARG B 250 -1.02 -21.05 5.72
N PRO B 251 -1.89 -20.38 6.48
CA PRO B 251 -3.26 -20.88 6.64
C PRO B 251 -4.04 -20.79 5.34
N VAL B 252 -5.10 -21.59 5.28
CA VAL B 252 -5.99 -21.58 4.12
C VAL B 252 -6.93 -20.40 4.23
N LYS B 253 -7.14 -19.70 3.11
CA LYS B 253 -8.08 -18.59 3.06
C LYS B 253 -9.46 -19.12 2.72
N TYR B 254 -10.40 -18.98 3.65
CA TYR B 254 -11.74 -19.53 3.50
C TYR B 254 -12.69 -18.48 2.95
N GLU B 255 -13.66 -18.95 2.18
CA GLU B 255 -14.68 -18.09 1.58
C GLU B 255 -16.03 -18.78 1.70
N GLU B 256 -17.08 -18.02 1.39
CA GLU B 256 -18.43 -18.55 1.40
C GLU B 256 -18.77 -19.06 0.01
N ASP B 257 -19.32 -20.26 -0.06
CA ASP B 257 -19.66 -20.86 -1.35
C ASP B 257 -20.82 -20.11 -1.98
N VAL B 258 -20.78 -19.99 -3.30
CA VAL B 258 -21.90 -19.39 -4.03
C VAL B 258 -23.13 -20.28 -3.87
N ASN B 259 -24.30 -19.63 -3.75
CA ASN B 259 -25.56 -20.37 -3.77
C ASN B 259 -26.39 -19.87 -4.95
N LEU B 260 -26.57 -20.74 -5.95
CA LEU B 260 -27.17 -20.47 -7.25
C LEU B 260 -28.67 -20.26 -7.18
N GLY B 261 -29.25 -20.26 -5.98
CA GLY B 261 -30.68 -20.06 -5.84
C GLY B 261 -31.46 -21.18 -6.50
N SER B 262 -32.69 -20.83 -6.91
CA SER B 262 -33.57 -21.78 -7.57
C SER B 262 -34.40 -21.03 -8.59
N GLY B 263 -35.14 -21.78 -9.39
CA GLY B 263 -36.03 -21.17 -10.35
C GLY B 263 -35.84 -21.68 -11.77
N THR B 264 -36.89 -21.54 -12.55
CA THR B 264 -36.92 -21.96 -13.96
C THR B 264 -36.74 -20.74 -14.85
N ARG B 265 -36.27 -20.99 -16.07
CA ARG B 265 -36.01 -19.92 -17.01
C ARG B 265 -36.75 -20.12 -18.33
N THR C 5 22.86 46.68 6.44
CA THR C 5 24.25 46.91 6.83
C THR C 5 24.40 46.85 8.34
N GLY C 6 25.35 46.05 8.80
CA GLY C 6 25.51 45.76 10.21
C GLY C 6 24.87 44.47 10.65
N GLU C 7 24.44 43.62 9.73
CA GLU C 7 23.78 42.37 10.03
C GLU C 7 24.73 41.20 9.78
N THR C 8 24.74 40.25 10.70
CA THR C 8 25.50 39.04 10.48
C THR C 8 24.79 38.15 9.45
N LEU C 9 25.53 37.14 8.96
CA LEU C 9 24.93 36.22 8.01
C LEU C 9 23.71 35.51 8.61
N GLY C 10 23.79 35.16 9.89
CA GLY C 10 22.66 34.52 10.54
C GLY C 10 21.45 35.44 10.66
N GLU C 11 21.69 36.72 10.94
CA GLU C 11 20.58 37.66 11.05
C GLU C 11 19.94 37.92 9.69
N LYS C 12 20.72 37.88 8.61
CA LYS C 12 20.15 37.95 7.28
C LYS C 12 19.27 36.74 7.00
N TRP C 13 19.70 35.56 7.45
CA TRP C 13 18.94 34.34 7.22
C TRP C 13 17.61 34.37 7.96
N LYS C 14 17.63 34.78 9.23
CA LYS C 14 16.41 34.80 10.03
C LYS C 14 15.39 35.79 9.47
N ALA C 15 15.87 36.94 8.99
CA ALA C 15 14.98 37.94 8.42
C ALA C 15 14.22 37.37 7.22
N ARG C 16 14.96 36.78 6.27
CA ARG C 16 14.31 36.18 5.11
C ARG C 16 13.44 35.00 5.51
N LEU C 17 13.79 34.29 6.59
CA LEU C 17 13.00 33.14 7.01
C LEU C 17 11.58 33.54 7.38
N ASN C 18 11.42 34.60 8.16
CA ASN C 18 10.08 35.01 8.57
C ASN C 18 9.33 35.72 7.45
N GLN C 19 9.95 35.92 6.29
CA GLN C 19 9.27 36.48 5.12
C GLN C 19 8.69 35.42 4.21
N MET C 20 9.05 34.16 4.39
CA MET C 20 8.52 33.10 3.55
C MET C 20 7.02 32.94 3.74
N SER C 21 6.35 32.51 2.67
CA SER C 21 4.94 32.17 2.78
C SER C 21 4.79 30.85 3.53
N ALA C 22 3.53 30.43 3.71
CA ALA C 22 3.27 29.18 4.42
C ALA C 22 3.88 28.00 3.68
N LEU C 23 3.64 27.91 2.37
CA LEU C 23 4.19 26.80 1.59
C LEU C 23 5.68 26.95 1.39
N GLU C 24 6.18 28.19 1.27
CA GLU C 24 7.61 28.38 1.13
C GLU C 24 8.35 27.89 2.37
N PHE C 25 7.76 28.11 3.54
CA PHE C 25 8.40 27.69 4.78
C PHE C 25 8.22 26.20 5.02
N TYR C 26 7.04 25.66 4.71
CA TYR C 26 6.78 24.24 4.98
C TYR C 26 7.72 23.34 4.18
N SER C 27 8.02 23.72 2.94
CA SER C 27 8.88 22.89 2.10
C SER C 27 10.36 23.12 2.37
N TYR C 28 10.72 24.17 3.09
CA TYR C 28 12.11 24.50 3.33
C TYR C 28 12.65 23.95 4.64
N LYS C 29 11.81 23.83 5.67
CA LYS C 29 12.22 23.44 7.02
C LYS C 29 13.03 22.15 7.04
N LYS C 30 12.76 21.25 6.09
CA LYS C 30 13.42 19.96 6.06
C LYS C 30 14.14 19.68 4.75
N SER C 31 14.31 20.68 3.88
CA SER C 31 14.95 20.48 2.59
C SER C 31 16.42 20.12 2.78
N GLY C 32 16.78 18.86 2.48
CA GLY C 32 18.16 18.42 2.52
C GLY C 32 18.68 18.01 3.88
N ILE C 33 17.84 18.00 4.91
CA ILE C 33 18.30 17.64 6.25
C ILE C 33 18.30 16.13 6.40
N THR C 34 18.82 15.65 7.53
CA THR C 34 18.80 14.24 7.86
C THR C 34 17.71 13.99 8.90
N GLU C 35 16.97 12.90 8.72
CA GLU C 35 15.84 12.61 9.60
C GLU C 35 15.73 11.11 9.79
N VAL C 36 15.50 10.69 11.01
CA VAL C 36 15.31 9.28 11.32
C VAL C 36 13.84 8.92 11.15
N CYS C 37 13.60 7.70 10.66
CA CYS C 37 12.24 7.22 10.44
C CYS C 37 11.66 6.78 11.77
N ARG C 38 10.60 7.46 12.24
CA ARG C 38 10.08 7.25 13.58
C ARG C 38 8.61 6.80 13.57
N GLU C 39 8.11 6.31 12.45
CA GLU C 39 6.73 5.82 12.44
C GLU C 39 6.56 4.60 13.34
N GLU C 40 7.48 3.64 13.22
CA GLU C 40 7.39 2.42 14.00
C GLU C 40 7.55 2.69 15.49
N ALA C 41 8.40 3.65 15.86
CA ALA C 41 8.60 3.97 17.27
C ALA C 41 7.45 4.77 17.86
N ARG C 42 6.62 5.40 17.03
CA ARG C 42 5.48 6.15 17.54
C ARG C 42 4.35 5.24 17.97
N ARG C 43 3.99 4.28 17.12
CA ARG C 43 2.96 3.31 17.44
C ARG C 43 3.61 2.16 18.24
N ALA C 44 4.65 2.48 19.01
CA ALA C 44 5.27 1.55 19.94
C ALA C 44 5.18 2.02 21.38
N LEU C 45 5.28 3.33 21.62
CA LEU C 45 5.11 3.90 22.95
C LEU C 45 3.76 4.58 23.13
N LYS C 46 2.97 4.70 22.07
CA LYS C 46 1.54 4.96 22.23
C LYS C 46 0.84 3.84 22.97
N ASP C 47 1.56 2.74 23.27
CA ASP C 47 1.12 1.59 24.04
C ASP C 47 1.58 1.69 25.49
N GLY C 48 2.86 1.92 25.68
CA GLY C 48 3.55 1.60 26.91
C GLY C 48 4.46 0.41 26.79
N VAL C 49 4.64 -0.12 25.58
CA VAL C 49 5.63 -1.14 25.28
C VAL C 49 7.00 -0.56 25.57
N ALA C 50 7.40 -0.60 26.84
CA ALA C 50 8.73 -0.16 27.25
C ALA C 50 9.82 -1.14 26.81
N THR C 51 9.41 -2.27 26.25
CA THR C 51 10.28 -3.39 25.98
C THR C 51 10.98 -3.31 24.63
N GLY C 52 10.53 -2.44 23.72
CA GLY C 52 10.94 -2.53 22.33
C GLY C 52 12.29 -1.95 22.02
N GLY C 53 12.92 -1.25 22.96
CA GLY C 53 14.17 -0.59 22.68
C GLY C 53 14.04 0.64 21.81
N HIS C 54 12.83 1.15 21.62
CA HIS C 54 12.62 2.34 20.81
C HIS C 54 13.04 3.58 21.59
N ALA C 55 13.55 4.57 20.86
CA ALA C 55 13.93 5.83 21.47
C ALA C 55 12.69 6.63 21.86
N VAL C 56 12.80 7.39 22.94
CA VAL C 56 11.67 8.16 23.43
C VAL C 56 11.41 9.38 22.55
N SER C 57 12.39 9.80 21.76
CA SER C 57 12.25 11.00 20.94
C SER C 57 13.35 10.98 19.88
N ARG C 58 13.28 11.96 18.97
CA ARG C 58 14.35 12.14 18.01
C ARG C 58 15.65 12.60 18.65
N GLY C 59 15.59 13.06 19.91
CA GLY C 59 16.80 13.53 20.57
C GLY C 59 17.85 12.46 20.74
N SER C 60 17.43 11.20 20.89
CA SER C 60 18.38 10.10 20.90
C SER C 60 19.07 9.98 19.54
N ALA C 61 18.32 10.21 18.45
CA ALA C 61 18.90 10.23 17.13
C ALA C 61 19.76 11.47 16.88
N LYS C 62 19.63 12.52 17.69
CA LYS C 62 20.53 13.66 17.57
C LYS C 62 21.81 13.46 18.36
N LEU C 63 21.70 12.94 19.59
CA LEU C 63 22.87 12.79 20.45
C LEU C 63 23.79 11.67 19.98
N ARG C 64 23.25 10.65 19.31
CA ARG C 64 24.09 9.59 18.77
C ARG C 64 25.09 10.15 17.77
N TRP C 65 24.76 11.28 17.14
CA TRP C 65 25.53 11.78 16.03
C TRP C 65 26.85 12.39 16.49
N LEU C 66 26.83 13.00 17.67
CA LEU C 66 28.06 13.56 18.24
C LEU C 66 28.88 12.49 18.94
N VAL C 67 28.23 11.57 19.64
CA VAL C 67 28.94 10.56 20.40
C VAL C 67 29.61 9.57 19.44
N GLU C 68 28.89 9.13 18.41
CA GLU C 68 29.43 8.17 17.44
C GLU C 68 30.58 8.78 16.65
N ARG C 69 30.88 10.07 16.90
CA ARG C 69 31.98 10.76 16.25
C ARG C 69 32.87 11.46 17.25
N GLY C 70 32.90 11.02 18.50
CA GLY C 70 33.83 11.56 19.46
C GLY C 70 33.71 13.05 19.71
N TYR C 71 32.71 13.70 19.11
CA TYR C 71 32.42 15.09 19.47
C TYR C 71 32.15 15.22 20.95
N LEU C 72 31.62 14.15 21.56
CA LEU C 72 31.41 14.07 22.99
C LEU C 72 31.63 12.63 23.39
N GLN C 73 32.40 12.41 24.45
CA GLN C 73 32.67 11.07 24.96
C GLN C 73 32.24 11.00 26.41
N PRO C 74 31.00 10.59 26.66
CA PRO C 74 30.47 10.62 28.03
C PRO C 74 31.21 9.65 28.94
N TYR C 75 31.08 9.89 30.23
CA TYR C 75 31.69 9.05 31.26
C TYR C 75 31.22 9.53 32.62
N GLY C 76 31.31 8.64 33.60
CA GLY C 76 31.02 8.95 34.98
C GLY C 76 29.62 9.49 35.18
N LYS C 77 29.51 10.46 36.08
CA LYS C 77 28.23 11.08 36.38
C LYS C 77 27.85 12.03 35.25
N VAL C 78 26.57 12.00 34.88
CA VAL C 78 26.07 12.80 33.78
C VAL C 78 24.86 13.58 34.27
N ILE C 79 24.81 14.86 33.92
CA ILE C 79 23.68 15.74 34.23
C ILE C 79 23.05 16.14 32.90
N ASP C 80 21.73 16.00 32.81
CA ASP C 80 20.99 16.38 31.61
C ASP C 80 19.92 17.40 32.00
N LEU C 81 20.26 18.68 31.86
CA LEU C 81 19.33 19.76 32.16
C LEU C 81 18.28 19.85 31.08
N GLY C 82 17.00 19.87 31.48
CA GLY C 82 15.91 19.90 30.53
C GLY C 82 15.76 18.57 29.82
N CYS C 83 15.43 17.53 30.59
CA CYS C 83 15.36 16.19 30.02
C CYS C 83 14.15 16.01 29.11
N GLY C 84 13.11 16.82 29.29
CA GLY C 84 11.85 16.59 28.61
C GLY C 84 11.34 15.21 28.92
N ARG C 85 11.49 14.30 27.97
CA ARG C 85 11.12 12.91 28.20
C ARG C 85 12.32 12.05 28.56
N GLY C 86 13.50 12.45 28.12
CA GLY C 86 14.70 11.67 28.39
C GLY C 86 15.21 11.00 27.13
N GLY C 87 15.27 11.76 26.03
CA GLY C 87 15.89 11.22 24.84
C GLY C 87 17.39 11.11 24.99
N TRP C 88 18.01 12.15 25.55
CA TRP C 88 19.44 12.10 25.80
C TRP C 88 19.76 11.26 27.02
N SER C 89 18.80 11.15 27.94
CA SER C 89 19.03 10.38 29.16
C SER C 89 19.04 8.87 28.87
N TYR C 90 18.11 8.40 28.05
CA TYR C 90 18.04 6.97 27.75
C TYR C 90 19.11 6.53 26.77
N TYR C 91 19.60 7.46 25.94
CA TYR C 91 20.70 7.13 25.05
C TYR C 91 22.03 7.15 25.79
N ALA C 92 22.18 8.02 26.78
CA ALA C 92 23.40 8.04 27.58
C ALA C 92 23.55 6.77 28.39
N ALA C 93 22.44 6.19 28.87
CA ALA C 93 22.48 4.99 29.68
C ALA C 93 23.01 3.77 28.93
N THR C 94 23.13 3.85 27.60
CA THR C 94 23.63 2.73 26.82
C THR C 94 25.14 2.77 26.63
N ILE C 95 25.77 3.92 26.84
CA ILE C 95 27.22 4.02 26.72
C ILE C 95 27.86 3.34 27.92
N ARG C 96 28.88 2.53 27.66
CA ARG C 96 29.38 1.62 28.70
C ARG C 96 30.21 2.32 29.76
N LYS C 97 30.71 3.53 29.50
CA LYS C 97 31.46 4.27 30.49
C LYS C 97 30.56 5.16 31.36
N VAL C 98 29.26 5.04 31.22
CA VAL C 98 28.31 5.83 32.00
C VAL C 98 27.92 5.05 33.24
N GLN C 99 27.74 5.75 34.35
CA GLN C 99 27.36 5.13 35.62
C GLN C 99 26.00 5.59 36.11
N GLU C 100 25.68 6.88 35.99
CA GLU C 100 24.48 7.42 36.61
C GLU C 100 23.98 8.60 35.78
N VAL C 101 22.68 8.64 35.51
CA VAL C 101 22.06 9.68 34.69
C VAL C 101 20.99 10.37 35.51
N LYS C 102 21.03 11.70 35.53
CA LYS C 102 20.09 12.52 36.29
C LYS C 102 19.34 13.46 35.36
N GLY C 103 18.01 13.40 35.41
CA GLY C 103 17.19 14.24 34.55
C GLY C 103 16.37 15.26 35.30
N TYR C 104 16.54 16.53 34.95
CA TYR C 104 15.76 17.63 35.53
C TYR C 104 15.06 18.35 34.38
N THR C 105 13.74 18.17 34.28
CA THR C 105 12.94 18.93 33.33
C THR C 105 11.81 19.62 34.08
N LYS C 106 11.25 20.63 33.42
CA LYS C 106 10.24 21.46 34.05
C LYS C 106 8.90 20.73 34.14
N GLY C 107 8.47 20.13 33.04
CA GLY C 107 7.18 19.47 33.04
C GLY C 107 6.04 20.46 33.17
N GLY C 108 4.86 19.91 33.47
CA GLY C 108 3.66 20.71 33.56
C GLY C 108 2.79 20.56 32.34
N PRO C 109 1.58 21.12 32.39
CA PRO C 109 0.66 20.99 31.24
C PRO C 109 1.19 21.59 29.96
N GLY C 110 2.06 22.59 30.04
CA GLY C 110 2.59 23.21 28.85
C GLY C 110 3.88 22.61 28.32
N HIS C 111 4.33 21.49 28.87
CA HIS C 111 5.61 20.89 28.48
C HIS C 111 5.49 19.38 28.54
N GLU C 112 6.51 18.70 28.00
CA GLU C 112 6.51 17.25 27.91
C GLU C 112 6.87 16.62 29.24
N GLU C 113 6.14 15.53 29.59
CA GLU C 113 6.37 14.77 30.81
C GLU C 113 7.44 13.71 30.58
N PRO C 114 8.28 13.46 31.57
CA PRO C 114 9.31 12.42 31.41
C PRO C 114 8.70 11.05 31.29
N MET C 115 9.04 10.35 30.20
CA MET C 115 8.53 9.02 29.92
C MET C 115 9.50 7.96 30.41
N LEU C 116 8.95 6.96 31.09
CA LEU C 116 9.73 5.90 31.73
C LEU C 116 9.52 4.61 30.94
N VAL C 117 10.48 4.29 30.08
CA VAL C 117 10.44 3.02 29.35
C VAL C 117 11.63 2.17 29.77
N GLN C 118 11.78 1.00 29.16
CA GLN C 118 12.83 0.05 29.50
C GLN C 118 13.83 -0.03 28.35
N SER C 119 14.66 0.99 28.25
CA SER C 119 15.84 0.90 27.40
C SER C 119 16.99 0.34 28.20
N TYR C 120 18.04 -0.07 27.50
CA TYR C 120 19.19 -0.68 28.15
C TYR C 120 19.77 0.28 29.20
N GLY C 121 19.90 -0.22 30.43
CA GLY C 121 20.39 0.61 31.51
C GLY C 121 19.38 1.62 32.02
N TRP C 122 18.08 1.32 31.90
CA TRP C 122 17.05 2.23 32.38
C TRP C 122 17.03 2.37 33.90
N ASN C 123 17.73 1.50 34.62
CA ASN C 123 17.71 1.51 36.08
C ASN C 123 18.58 2.61 36.68
N ILE C 124 19.53 3.15 35.92
CA ILE C 124 20.42 4.20 36.42
C ILE C 124 19.97 5.59 36.02
N VAL C 125 18.71 5.74 35.58
CA VAL C 125 18.16 7.01 35.14
C VAL C 125 16.97 7.37 36.01
N ARG C 126 16.89 8.63 36.44
CA ARG C 126 15.73 9.14 37.16
C ARG C 126 15.46 10.56 36.70
N LEU C 127 14.27 10.79 36.17
CA LEU C 127 13.86 12.09 35.67
C LEU C 127 13.02 12.78 36.75
N LYS C 128 13.50 13.92 37.24
CA LYS C 128 12.78 14.72 38.21
C LYS C 128 12.11 15.87 37.47
N SER C 129 10.80 15.76 37.27
CA SER C 129 10.03 16.83 36.65
C SER C 129 9.66 17.88 37.70
N GLY C 130 9.13 19.01 37.23
CA GLY C 130 8.77 20.08 38.13
C GLY C 130 9.93 20.92 38.61
N VAL C 131 11.06 20.89 37.91
CA VAL C 131 12.27 21.59 38.33
C VAL C 131 12.57 22.69 37.32
N ASP C 132 12.87 23.88 37.80
CA ASP C 132 13.35 24.98 36.97
C ASP C 132 14.83 25.18 37.27
N VAL C 133 15.66 24.96 36.26
CA VAL C 133 17.11 24.91 36.46
C VAL C 133 17.69 26.30 36.68
N PHE C 134 16.95 27.36 36.36
CA PHE C 134 17.52 28.71 36.44
C PHE C 134 17.67 29.20 37.88
N HIS C 135 16.94 28.62 38.83
CA HIS C 135 17.14 28.89 40.25
C HIS C 135 17.52 27.60 40.99
N MET C 136 18.21 26.70 40.30
CA MET C 136 18.72 25.45 40.87
C MET C 136 20.24 25.51 40.95
N ALA C 137 20.79 24.97 42.04
CA ALA C 137 22.23 25.04 42.26
C ALA C 137 22.96 23.95 41.49
N ALA C 138 24.21 24.25 41.15
CA ALA C 138 25.02 23.35 40.33
C ALA C 138 25.65 22.26 41.17
N GLU C 139 25.63 21.06 40.65
CA GLU C 139 25.99 19.81 41.31
C GLU C 139 27.30 19.30 40.74
N PRO C 140 27.93 18.25 41.31
CA PRO C 140 29.17 17.82 40.71
C PRO C 140 28.89 16.89 39.54
N CYS C 141 29.64 17.07 38.44
CA CYS C 141 29.42 16.09 37.38
C CYS C 141 30.60 15.98 36.43
N ASP C 142 30.68 14.79 35.86
CA ASP C 142 31.68 14.30 34.93
C ASP C 142 31.35 14.71 33.51
N THR C 143 30.08 14.62 33.13
CA THR C 143 29.64 15.19 31.87
C THR C 143 28.33 15.94 32.08
N LEU C 144 28.22 17.10 31.45
CA LEU C 144 27.14 18.05 31.69
C LEU C 144 26.48 18.37 30.36
N LEU C 145 25.21 17.97 30.22
CA LEU C 145 24.46 18.18 28.99
C LEU C 145 23.28 19.11 29.25
N CYS C 146 23.05 20.03 28.32
CA CYS C 146 21.97 21.00 28.44
C CYS C 146 21.36 21.21 27.06
N ASP C 147 20.06 21.00 26.94
CA ASP C 147 19.34 21.13 25.67
C ASP C 147 18.15 22.08 25.84
N ILE C 148 18.43 23.28 26.32
CA ILE C 148 17.41 24.28 26.61
C ILE C 148 17.57 25.44 25.63
N GLY C 149 16.44 25.94 25.13
CA GLY C 149 16.45 27.02 24.16
C GLY C 149 15.23 27.01 23.25
N GLU C 150 14.31 27.95 23.47
CA GLU C 150 13.04 27.98 22.78
C GLU C 150 13.08 28.99 21.62
N SER C 151 12.65 28.55 20.45
CA SER C 151 12.69 29.37 19.25
C SER C 151 11.77 30.59 19.39
N SER C 152 12.21 31.70 18.79
CA SER C 152 11.42 32.91 18.73
C SER C 152 11.68 33.57 17.39
N SER C 153 10.64 34.18 16.81
CA SER C 153 10.81 34.83 15.52
C SER C 153 11.68 36.07 15.60
N SER C 154 12.00 36.56 16.79
CA SER C 154 12.85 37.73 16.96
C SER C 154 14.28 37.29 17.22
N PRO C 155 15.26 37.71 16.41
CA PRO C 155 16.65 37.37 16.73
C PRO C 155 17.10 37.92 18.07
N GLU C 156 16.53 39.05 18.51
CA GLU C 156 16.94 39.62 19.79
C GLU C 156 16.41 38.80 20.95
N VAL C 157 15.21 38.25 20.81
CA VAL C 157 14.65 37.42 21.88
C VAL C 157 15.44 36.13 22.01
N GLU C 158 15.74 35.47 20.89
CA GLU C 158 16.57 34.28 20.94
C GLU C 158 17.94 34.56 21.54
N GLU C 159 18.46 35.77 21.33
CA GLU C 159 19.74 36.14 21.95
C GLU C 159 19.63 36.10 23.47
N ALA C 160 18.68 36.85 24.03
CA ALA C 160 18.51 36.91 25.48
C ALA C 160 18.38 35.53 26.10
N ARG C 161 17.54 34.68 25.49
CA ARG C 161 17.38 33.33 26.00
C ARG C 161 18.69 32.57 26.00
N THR C 162 19.52 32.77 24.97
CA THR C 162 20.73 31.97 24.83
C THR C 162 21.74 32.31 25.92
N LEU C 163 21.99 33.60 26.15
CA LEU C 163 22.91 33.98 27.22
C LEU C 163 22.37 33.58 28.58
N ARG C 164 21.05 33.63 28.76
CA ARG C 164 20.46 33.21 30.02
C ARG C 164 20.79 31.75 30.32
N VAL C 165 20.81 30.91 29.29
CA VAL C 165 21.18 29.50 29.48
C VAL C 165 22.68 29.39 29.72
N LEU C 166 23.49 30.05 28.90
CA LEU C 166 24.93 29.97 29.06
C LEU C 166 25.37 30.54 30.40
N SER C 167 24.65 31.53 30.92
CA SER C 167 24.93 32.01 32.27
C SER C 167 24.64 30.92 33.30
N MET C 168 23.54 30.19 33.12
CA MET C 168 23.20 29.10 34.02
C MET C 168 24.15 27.91 33.84
N VAL C 169 24.59 27.67 32.61
CA VAL C 169 25.51 26.56 32.35
C VAL C 169 26.86 26.83 33.00
N GLY C 170 27.24 28.10 33.13
CA GLY C 170 28.55 28.43 33.68
C GLY C 170 28.77 27.91 35.08
N ASP C 171 27.72 27.85 35.89
CA ASP C 171 27.85 27.35 37.26
C ASP C 171 28.12 25.86 37.27
N TRP C 172 27.57 25.12 36.31
CA TRP C 172 27.75 23.68 36.25
C TRP C 172 29.14 23.31 35.72
N LEU C 173 29.59 24.04 34.72
CA LEU C 173 30.92 23.81 34.17
C LEU C 173 32.03 24.28 35.12
N GLU C 174 31.68 25.06 36.16
CA GLU C 174 32.66 25.36 37.20
C GLU C 174 33.05 24.12 37.98
N LYS C 175 32.15 23.14 38.07
CA LYS C 175 32.50 21.84 38.61
C LYS C 175 33.21 20.96 37.59
N ARG C 176 33.50 21.50 36.41
CA ARG C 176 34.44 21.00 35.41
C ARG C 176 34.12 19.61 34.88
N PRO C 177 33.10 19.45 34.04
CA PRO C 177 32.86 18.13 33.47
C PRO C 177 33.94 17.75 32.48
N GLY C 178 34.33 16.47 32.50
CA GLY C 178 35.27 15.97 31.51
C GLY C 178 34.73 16.03 30.10
N ALA C 179 33.42 16.17 29.94
CA ALA C 179 32.79 16.30 28.64
C ALA C 179 31.49 17.07 28.83
N PHE C 180 31.13 17.86 27.83
CA PHE C 180 29.89 18.62 27.93
C PHE C 180 29.33 18.85 26.53
N CYS C 181 28.02 19.03 26.47
CA CYS C 181 27.33 19.27 25.20
C CYS C 181 26.13 20.18 25.47
N ILE C 182 26.26 21.45 25.08
CA ILE C 182 25.28 22.48 25.39
C ILE C 182 24.71 23.02 24.09
N LYS C 183 23.38 23.08 24.01
CA LYS C 183 22.72 23.61 22.83
C LYS C 183 22.83 25.13 22.80
N VAL C 184 23.39 25.67 21.72
CA VAL C 184 23.47 27.11 21.52
C VAL C 184 22.39 27.46 20.50
N LEU C 185 21.25 27.92 21.00
CA LEU C 185 20.09 28.20 20.15
C LEU C 185 20.41 29.22 19.07
N CYS C 186 20.74 30.45 19.48
CA CYS C 186 21.09 31.53 18.57
C CYS C 186 22.56 31.86 18.73
N PRO C 187 23.42 31.37 17.85
CA PRO C 187 24.84 31.71 17.96
C PRO C 187 25.33 32.70 16.92
N TYR C 188 24.43 33.48 16.31
CA TYR C 188 24.80 34.25 15.12
C TYR C 188 24.80 35.76 15.31
N THR C 189 24.36 36.28 16.45
CA THR C 189 24.44 37.74 16.61
C THR C 189 25.83 38.14 17.09
N SER C 190 26.12 39.44 16.94
CA SER C 190 27.46 39.93 17.25
C SER C 190 27.81 39.71 18.70
N THR C 191 26.86 39.94 19.61
CA THR C 191 27.10 39.63 21.01
C THR C 191 27.26 38.13 21.21
N MET C 192 26.51 37.33 20.45
CA MET C 192 26.57 35.88 20.60
C MET C 192 27.94 35.33 20.20
N MET C 193 28.39 35.64 18.99
CA MET C 193 29.69 35.15 18.54
C MET C 193 30.80 35.63 19.46
N GLU C 194 30.70 36.86 19.95
CA GLU C 194 31.71 37.40 20.86
C GLU C 194 31.75 36.60 22.16
N THR C 195 30.57 36.31 22.72
CA THR C 195 30.51 35.59 23.99
C THR C 195 30.93 34.13 23.81
N LEU C 196 30.59 33.53 22.68
CA LEU C 196 30.88 32.10 22.49
C LEU C 196 32.37 31.82 22.44
N GLU C 197 33.17 32.75 21.92
CA GLU C 197 34.63 32.59 21.99
C GLU C 197 35.09 32.65 23.44
N ARG C 198 34.61 33.65 24.19
CA ARG C 198 35.06 33.86 25.56
C ARG C 198 34.90 32.59 26.40
N LEU C 199 33.74 31.96 26.31
CA LEU C 199 33.53 30.69 27.01
C LEU C 199 34.43 29.60 26.48
N GLN C 200 34.76 29.64 25.19
CA GLN C 200 35.65 28.64 24.62
C GLN C 200 37.07 28.80 25.17
N ARG C 201 37.59 30.03 25.20
CA ARG C 201 38.94 30.25 25.67
C ARG C 201 39.11 29.86 27.13
N ARG C 202 38.04 29.83 27.90
CA ARG C 202 38.13 29.52 29.31
C ARG C 202 37.79 28.07 29.62
N TYR C 203 36.93 27.44 28.82
CA TYR C 203 36.46 26.10 29.10
C TYR C 203 36.83 25.10 28.00
N GLY C 204 37.45 25.57 26.91
CA GLY C 204 37.72 24.68 25.80
C GLY C 204 36.46 24.39 24.99
N GLY C 205 36.51 23.28 24.28
CA GLY C 205 35.39 22.85 23.47
C GLY C 205 35.19 23.70 22.23
N GLY C 206 34.19 23.32 21.45
CA GLY C 206 33.86 24.02 20.21
C GLY C 206 32.42 23.74 19.85
N LEU C 207 31.96 24.46 18.81
CA LEU C 207 30.58 24.38 18.38
C LEU C 207 30.44 23.51 17.14
N VAL C 208 29.33 22.77 17.06
CA VAL C 208 29.08 21.79 16.02
C VAL C 208 27.63 21.89 15.58
N ARG C 209 27.41 21.88 14.26
CA ARG C 209 26.07 21.82 13.68
C ARG C 209 25.74 20.37 13.35
N VAL C 210 24.49 19.99 13.56
CA VAL C 210 24.03 18.61 13.39
C VAL C 210 23.15 18.54 12.14
N PRO C 211 23.42 17.63 11.20
CA PRO C 211 22.60 17.57 9.99
C PRO C 211 21.17 17.14 10.25
N LEU C 212 20.88 16.60 11.44
CA LEU C 212 19.52 16.26 11.81
C LEU C 212 18.70 17.49 12.19
N SER C 213 19.35 18.64 12.37
CA SER C 213 18.63 19.85 12.68
C SER C 213 17.91 20.39 11.45
N ARG C 214 16.71 20.92 11.66
CA ARG C 214 15.93 21.49 10.58
C ARG C 214 16.51 22.83 10.13
N ASN C 215 16.20 23.20 8.89
CA ASN C 215 16.74 24.43 8.33
C ASN C 215 16.13 25.67 8.95
N SER C 216 14.99 25.54 9.63
CA SER C 216 14.30 26.67 10.21
C SER C 216 14.89 27.13 11.55
N THR C 217 15.99 26.53 11.99
CA THR C 217 16.65 26.93 13.22
C THR C 217 18.15 26.96 12.98
N HIS C 218 18.84 27.82 13.74
CA HIS C 218 20.28 27.98 13.67
C HIS C 218 20.97 27.40 14.90
N GLU C 219 20.36 26.39 15.52
CA GLU C 219 20.93 25.80 16.72
C GLU C 219 22.25 25.11 16.44
N MET C 220 23.22 25.31 17.33
CA MET C 220 24.48 24.60 17.32
C MET C 220 24.75 24.09 18.72
N TYR C 221 25.74 23.22 18.86
CA TYR C 221 26.01 22.54 20.11
C TYR C 221 27.46 22.73 20.53
N TRP C 222 27.66 23.22 21.75
CA TRP C 222 28.98 23.45 22.31
C TRP C 222 29.44 22.16 22.97
N VAL C 223 30.30 21.41 22.28
CA VAL C 223 30.74 20.11 22.74
C VAL C 223 32.18 20.19 23.22
N SER C 224 32.57 19.21 24.04
CA SER C 224 33.91 19.20 24.60
C SER C 224 34.96 18.76 23.59
N GLY C 225 34.58 17.93 22.63
CA GLY C 225 35.55 17.34 21.72
C GLY C 225 35.72 18.07 20.40
N ALA C 226 35.35 19.35 20.36
CA ALA C 226 35.51 20.15 19.16
C ALA C 226 36.47 21.30 19.43
N LYS C 227 37.08 21.80 18.36
CA LYS C 227 37.97 22.95 18.45
C LYS C 227 37.87 23.83 17.21
N SER C 228 36.72 23.77 16.52
CA SER C 228 36.53 24.59 15.35
C SER C 228 36.49 26.08 15.72
N ASN C 229 36.82 26.93 14.76
CA ASN C 229 36.80 28.36 15.00
C ASN C 229 35.36 28.83 15.22
N THR C 230 35.19 29.78 16.14
CA THR C 230 33.86 30.20 16.55
C THR C 230 33.09 30.82 15.39
N ILE C 231 33.58 31.95 14.88
CA ILE C 231 32.85 32.68 13.84
C ILE C 231 32.74 31.84 12.58
N LYS C 232 33.86 31.24 12.15
CA LYS C 232 33.86 30.46 10.92
C LYS C 232 32.80 29.36 10.97
N SER C 233 32.75 28.62 12.07
CA SER C 233 31.79 27.52 12.17
C SER C 233 30.36 28.02 12.15
N VAL C 234 30.10 29.18 12.75
CA VAL C 234 28.75 29.75 12.70
C VAL C 234 28.49 30.33 11.32
N SER C 235 29.50 30.95 10.72
CA SER C 235 29.33 31.57 9.41
C SER C 235 29.03 30.52 8.33
N THR C 236 29.79 29.42 8.33
CA THR C 236 29.52 28.39 7.34
C THR C 236 28.17 27.74 7.57
N THR C 237 27.70 27.71 8.82
CA THR C 237 26.35 27.24 9.08
C THR C 237 25.32 28.24 8.59
N SER C 238 25.58 29.53 8.79
CA SER C 238 24.73 30.56 8.20
C SER C 238 24.72 30.43 6.69
N GLN C 239 25.89 30.29 6.07
CA GLN C 239 25.97 30.14 4.62
C GLN C 239 25.29 28.86 4.16
N LEU C 240 25.32 27.81 4.98
CA LEU C 240 24.65 26.56 4.65
C LEU C 240 23.15 26.76 4.56
N LEU C 241 22.54 27.28 5.62
CA LEU C 241 21.09 27.47 5.63
C LEU C 241 20.65 28.55 4.65
N LEU C 242 21.49 29.55 4.41
CA LEU C 242 21.17 30.58 3.42
C LEU C 242 21.11 30.00 2.02
N GLY C 243 22.12 29.22 1.65
CA GLY C 243 22.18 28.64 0.31
C GLY C 243 21.05 27.67 0.00
N ARG C 244 20.28 27.27 1.01
CA ARG C 244 19.18 26.33 0.81
C ARG C 244 17.85 27.02 0.55
N MET C 245 17.74 28.32 0.84
CA MET C 245 16.49 29.03 0.59
C MET C 245 16.32 29.39 -0.88
N ASP C 246 17.42 29.60 -1.59
CA ASP C 246 17.39 30.07 -2.98
C ASP C 246 17.21 28.92 -3.96
N GLY C 247 18.12 27.96 -3.93
CA GLY C 247 18.07 26.83 -4.83
C GLY C 247 16.83 25.98 -4.65
N PRO C 248 16.58 25.07 -5.58
CA PRO C 248 15.40 24.21 -5.47
C PRO C 248 15.46 23.31 -4.25
N ARG C 249 14.30 22.82 -3.85
CA ARG C 249 14.20 21.99 -2.66
C ARG C 249 14.97 20.68 -2.86
N ARG C 250 15.35 20.07 -1.74
CA ARG C 250 16.05 18.80 -1.75
C ARG C 250 15.35 17.82 -0.84
N PRO C 251 15.33 16.53 -1.19
CA PRO C 251 14.59 15.56 -0.38
C PRO C 251 15.25 15.33 0.96
N VAL C 252 14.44 14.93 1.94
CA VAL C 252 14.97 14.56 3.23
C VAL C 252 15.78 13.28 3.09
N LYS C 253 16.94 13.26 3.72
CA LYS C 253 17.79 12.06 3.74
C LYS C 253 17.39 11.26 4.97
N TYR C 254 16.65 10.17 4.75
CA TYR C 254 16.09 9.39 5.84
C TYR C 254 17.08 8.37 6.37
N GLU C 255 16.94 8.06 7.65
CA GLU C 255 17.74 7.03 8.31
C GLU C 255 16.85 6.24 9.25
N GLU C 256 17.38 5.12 9.72
CA GLU C 256 16.68 4.35 10.74
C GLU C 256 16.88 5.00 12.10
N ASP C 257 15.81 5.03 12.90
CA ASP C 257 15.91 5.59 14.23
C ASP C 257 16.78 4.69 15.11
N VAL C 258 17.27 5.26 16.21
CA VAL C 258 18.15 4.52 17.11
C VAL C 258 17.34 3.44 17.82
N ASN C 259 18.02 2.31 18.07
CA ASN C 259 17.48 1.25 18.91
C ASN C 259 18.46 1.01 20.04
N LEU C 260 18.02 1.29 21.26
CA LEU C 260 18.86 1.24 22.44
C LEU C 260 18.75 -0.09 23.17
N GLY C 261 18.02 -1.05 22.62
CA GLY C 261 17.87 -2.32 23.25
C GLY C 261 17.11 -2.20 24.56
N SER C 262 17.29 -3.21 25.40
CA SER C 262 16.59 -3.29 26.67
C SER C 262 17.45 -4.04 27.66
N GLY C 263 17.07 -3.96 28.92
CA GLY C 263 17.71 -4.73 29.98
C GLY C 263 18.38 -3.85 31.01
N THR C 264 18.77 -4.51 32.10
CA THR C 264 19.49 -3.89 33.20
C THR C 264 20.99 -4.05 33.00
N ARG C 265 21.75 -3.19 33.67
CA ARG C 265 23.21 -3.26 33.70
C ARG C 265 23.81 -2.08 34.46
#